data_5ZLR
#
_entry.id   5ZLR
#
_cell.length_a   86.527
_cell.length_b   148.706
_cell.length_c   125.723
_cell.angle_alpha   90.00
_cell.angle_beta   90.00
_cell.angle_gamma   90.00
#
_symmetry.space_group_name_H-M   'C 2 2 21'
#
loop_
_entity.id
_entity.type
_entity.pdbx_description
1 polymer "GDP/UDP-N,N'-diacetylbacillosamine 2-epimerase (Hydrolyzing)"
2 non-polymer 'SULFATE ION'
3 non-polymer 'LITHIUM ION'
4 water water
#
_entity_poly.entity_id   1
_entity_poly.type   'polypeptide(L)'
_entity_poly.pdbx_seq_one_letter_code
;MKKIAVFTGTRAEYGLLYWLMRDIQQDPELELQILATAMHYSPEHGETWKTIVKDGFEITESVEMLLSSDTSSAVVKSMG
VGLLGFADALKRMQPDVLVVLGDRFEALAVTQAALIMHVPVAHLHGGEITEGAYDESIRHAITKMSNIHFAAAEEYKKRI
IQLGEQPERVFNVGALGLDHIQRTTFKSISELSELYDFDFSKPYFLITYHPETNLLEENVAPLFDALKQINDVNFIFSYP
NADNGNTNIVKAMLDLKAQLPDRVLLVKSFGIQNYLSVLKNALAMVGNSSSGLSEAPALQVPTVNIGDRQKGRLRCESIL
DVRLDENEIVEALQKAINFPKDQLSQVVPPLGLGNTSQKIIEVIKTTDFKKKAPFYDLLE
;
_entity_poly.pdbx_strand_id   A,B
#
# COMPACT_ATOMS: atom_id res chain seq x y z
N MET A 1 22.94 -0.79 -20.39
CA MET A 1 22.98 -1.17 -18.98
C MET A 1 21.73 -0.72 -18.23
N LYS A 2 21.20 -1.60 -17.39
CA LYS A 2 19.97 -1.33 -16.66
C LYS A 2 20.19 -1.67 -15.19
N LYS A 3 19.82 -0.77 -14.32
CA LYS A 3 20.06 -0.92 -12.89
C LYS A 3 18.83 -1.57 -12.26
N ILE A 4 18.98 -2.81 -11.81
CA ILE A 4 17.92 -3.54 -11.13
C ILE A 4 18.25 -3.54 -9.64
N ALA A 5 17.49 -2.82 -8.84
CA ALA A 5 17.66 -2.81 -7.39
C ALA A 5 16.76 -3.89 -6.79
N VAL A 6 17.33 -4.72 -5.91
CA VAL A 6 16.54 -5.72 -5.18
C VAL A 6 16.43 -5.25 -3.73
N PHE A 7 15.20 -5.25 -3.22
CA PHE A 7 14.90 -4.84 -1.85
C PHE A 7 14.83 -6.09 -0.99
N THR A 8 15.41 -6.04 0.20
CA THR A 8 15.26 -7.17 1.11
C THR A 8 15.25 -6.70 2.55
N GLY A 9 14.29 -7.22 3.30
CA GLY A 9 14.13 -6.83 4.68
C GLY A 9 14.27 -7.98 5.66
N THR A 10 14.38 -9.22 5.17
CA THR A 10 14.50 -10.35 6.09
C THR A 10 15.37 -11.42 5.45
N ARG A 11 16.01 -12.20 6.32
CA ARG A 11 16.83 -13.31 5.87
C ARG A 11 16.03 -14.30 5.02
N ALA A 12 14.80 -14.58 5.42
CA ALA A 12 14.00 -15.54 4.67
C ALA A 12 13.69 -15.01 3.28
N GLU A 13 13.36 -13.73 3.17
CA GLU A 13 13.01 -13.20 1.87
C GLU A 13 14.25 -13.02 1.00
N TYR A 14 15.39 -12.71 1.63
CA TYR A 14 16.66 -12.77 0.91
C TYR A 14 16.89 -14.17 0.30
N GLY A 15 16.62 -15.23 1.07
CA GLY A 15 16.81 -16.58 0.53
C GLY A 15 15.93 -16.85 -0.67
N LEU A 16 14.68 -16.36 -0.62
CA LEU A 16 13.79 -16.51 -1.77
C LEU A 16 14.33 -15.77 -2.98
N LEU A 17 14.91 -14.56 -2.76
CA LEU A 17 15.39 -13.70 -3.85
C LEU A 17 16.75 -14.13 -4.38
N TYR A 18 17.45 -15.01 -3.65
CA TYR A 18 18.88 -15.25 -3.86
C TYR A 18 19.24 -15.48 -5.33
N TRP A 19 18.53 -16.39 -6.01
CA TRP A 19 18.99 -16.73 -7.35
C TRP A 19 18.66 -15.66 -8.39
N LEU A 20 17.58 -14.91 -8.19
CA LEU A 20 17.41 -13.73 -9.04
C LEU A 20 18.60 -12.77 -8.88
N MET A 21 19.04 -12.55 -7.64
CA MET A 21 20.19 -11.66 -7.41
C MET A 21 21.45 -12.22 -8.06
N ARG A 22 21.69 -13.52 -7.93
CA ARG A 22 22.85 -14.13 -8.58
C ARG A 22 22.82 -13.91 -10.09
N ASP A 23 21.65 -14.12 -10.70
CA ASP A 23 21.54 -14.00 -12.14
C ASP A 23 21.72 -12.56 -12.62
N ILE A 24 21.18 -11.59 -11.87
CA ILE A 24 21.40 -10.19 -12.24
C ILE A 24 22.89 -9.85 -12.14
N GLN A 25 23.52 -10.30 -11.06
CA GLN A 25 24.94 -10.07 -10.87
C GLN A 25 25.75 -10.71 -12.00
N GLN A 26 25.38 -11.94 -12.39
CA GLN A 26 26.11 -12.63 -13.43
C GLN A 26 25.91 -11.95 -14.79
N ASP A 27 24.74 -11.37 -15.03
CA ASP A 27 24.39 -10.83 -16.36
C ASP A 27 25.14 -9.53 -16.63
N PRO A 28 25.95 -9.46 -17.68
CA PRO A 28 26.73 -8.24 -17.91
C PRO A 28 25.90 -7.03 -18.35
N GLU A 29 24.67 -7.22 -18.84
CA GLU A 29 23.86 -6.07 -19.20
C GLU A 29 22.93 -5.61 -18.08
N LEU A 30 23.02 -6.23 -16.89
CA LEU A 30 22.21 -5.82 -15.74
C LEU A 30 23.12 -5.51 -14.57
N GLU A 31 22.94 -4.34 -13.99
CA GLU A 31 23.69 -3.95 -12.80
C GLU A 31 22.82 -4.18 -11.57
N LEU A 32 23.26 -5.07 -10.69
CA LEU A 32 22.53 -5.36 -9.46
C LEU A 32 22.77 -4.23 -8.45
N GLN A 33 21.70 -3.73 -7.86
CA GLN A 33 21.81 -2.92 -6.65
C GLN A 33 21.02 -3.64 -5.56
N ILE A 34 21.40 -3.42 -4.31
CA ILE A 34 20.72 -4.05 -3.19
C ILE A 34 20.39 -3.00 -2.15
N LEU A 35 19.13 -2.92 -1.74
CA LEU A 35 18.70 -2.09 -0.62
C LEU A 35 18.28 -3.03 0.51
N ALA A 36 19.10 -3.11 1.54
CA ALA A 36 18.84 -4.03 2.64
C ALA A 36 18.38 -3.22 3.86
N THR A 37 17.46 -3.78 4.63
CA THR A 37 16.84 -2.96 5.68
C THR A 37 16.16 -3.87 6.70
N ALA A 38 15.37 -3.25 7.58
CA ALA A 38 14.51 -3.92 8.55
C ALA A 38 15.25 -5.02 9.30
N MET A 39 14.81 -6.28 9.16
CA MET A 39 15.33 -7.32 10.05
C MET A 39 16.78 -7.69 9.78
N HIS A 40 17.35 -7.31 8.64
CA HIS A 40 18.78 -7.56 8.43
C HIS A 40 19.69 -6.81 9.40
N TYR A 41 19.19 -5.78 10.07
CA TYR A 41 19.99 -5.02 11.04
C TYR A 41 19.53 -5.25 12.47
N SER A 42 18.78 -6.35 12.72
CA SER A 42 18.28 -6.63 14.07
C SER A 42 19.23 -7.57 14.80
N PRO A 43 19.67 -7.24 16.02
CA PRO A 43 20.58 -8.14 16.73
C PRO A 43 19.95 -9.47 17.10
N GLU A 44 18.64 -9.50 17.38
CA GLU A 44 18.01 -10.75 17.75
C GLU A 44 18.04 -11.79 16.64
N HIS A 45 18.28 -11.37 15.39
CA HIS A 45 18.41 -12.31 14.28
C HIS A 45 19.84 -12.47 13.82
N GLY A 46 20.79 -11.87 14.52
CA GLY A 46 22.20 -12.09 14.23
C GLY A 46 22.77 -11.24 13.13
N GLU A 47 22.17 -10.09 12.84
CA GLU A 47 22.63 -9.18 11.80
C GLU A 47 22.82 -9.92 10.47
N THR A 48 21.69 -10.36 9.91
CA THR A 48 21.79 -11.18 8.69
C THR A 48 22.22 -10.38 7.45
N TRP A 49 22.39 -9.06 7.55
CA TRP A 49 23.02 -8.36 6.43
C TRP A 49 24.41 -8.93 6.13
N LYS A 50 25.11 -9.40 7.16
CA LYS A 50 26.43 -9.98 6.93
C LYS A 50 26.37 -11.22 6.04
N THR A 51 25.28 -11.99 6.12
CA THR A 51 25.14 -13.15 5.22
C THR A 51 25.12 -12.72 3.76
N ILE A 52 24.46 -11.59 3.47
CA ILE A 52 24.38 -11.08 2.10
C ILE A 52 25.79 -10.78 1.58
N VAL A 53 26.58 -10.11 2.41
CA VAL A 53 27.93 -9.77 2.00
C VAL A 53 28.78 -11.02 1.88
N LYS A 54 28.64 -11.97 2.81
CA LYS A 54 29.46 -13.18 2.73
C LYS A 54 29.08 -14.04 1.53
N ASP A 55 27.81 -14.01 1.14
CA ASP A 55 27.39 -14.72 -0.07
C ASP A 55 27.91 -14.08 -1.34
N GLY A 56 28.68 -12.99 -1.21
CA GLY A 56 29.32 -12.39 -2.36
C GLY A 56 28.61 -11.21 -2.97
N PHE A 57 27.64 -10.62 -2.27
CA PHE A 57 26.93 -9.45 -2.79
C PHE A 57 27.45 -8.17 -2.13
N GLU A 58 27.25 -7.04 -2.82
CA GLU A 58 27.53 -5.73 -2.25
C GLU A 58 26.21 -5.04 -1.90
N ILE A 59 26.09 -4.61 -0.66
CA ILE A 59 24.89 -3.89 -0.26
C ILE A 59 25.07 -2.44 -0.70
N THR A 60 24.29 -2.02 -1.69
CA THR A 60 24.39 -0.66 -2.22
C THR A 60 23.97 0.39 -1.20
N GLU A 61 22.85 0.16 -0.53
CA GLU A 61 22.32 1.08 0.46
C GLU A 61 21.77 0.25 1.62
N SER A 62 22.03 0.68 2.84
CA SER A 62 21.47 0.01 4.00
C SER A 62 20.68 1.03 4.79
N VAL A 63 19.53 0.62 5.32
CA VAL A 63 18.69 1.49 6.12
C VAL A 63 18.27 0.76 7.39
N GLU A 64 18.85 1.14 8.52
CA GLU A 64 18.35 0.68 9.81
C GLU A 64 17.04 1.38 10.11
N MET A 65 16.03 0.63 10.57
CA MET A 65 14.73 1.28 10.78
C MET A 65 13.93 0.71 11.95
N LEU A 66 14.18 -0.53 12.37
CA LEU A 66 13.27 -1.17 13.31
C LEU A 66 13.51 -0.66 14.72
N LEU A 67 12.43 -0.22 15.38
CA LEU A 67 12.51 0.11 16.80
C LEU A 67 12.49 -1.14 17.68
N SER A 68 13.15 -1.02 18.84
CA SER A 68 13.23 -2.07 19.84
C SER A 68 11.98 -1.99 20.70
N SER A 69 10.97 -2.75 20.34
CA SER A 69 9.65 -2.63 20.96
C SER A 69 8.76 -3.65 20.30
N ASP A 70 7.73 -4.06 21.02
CA ASP A 70 6.75 -4.98 20.46
C ASP A 70 5.44 -4.29 20.12
N THR A 71 5.34 -2.98 20.25
CA THR A 71 4.03 -2.35 20.08
C THR A 71 3.72 -2.09 18.61
N SER A 72 2.42 -2.00 18.31
CA SER A 72 2.04 -1.65 16.95
C SER A 72 2.40 -0.20 16.65
N SER A 73 2.29 0.69 17.64
CA SER A 73 2.75 2.07 17.46
C SER A 73 4.20 2.10 17.00
N ALA A 74 5.06 1.28 17.60
CA ALA A 74 6.47 1.28 17.22
C ALA A 74 6.69 0.71 15.82
N VAL A 75 5.84 -0.23 15.38
CA VAL A 75 5.89 -0.67 13.98
C VAL A 75 5.64 0.51 13.05
N VAL A 76 4.64 1.34 13.36
CA VAL A 76 4.36 2.53 12.52
C VAL A 76 5.57 3.48 12.54
N LYS A 77 6.17 3.68 13.72
CA LYS A 77 7.36 4.52 13.77
C LYS A 77 8.48 3.92 12.95
N SER A 78 8.67 2.61 13.03
CA SER A 78 9.71 1.97 12.23
C SER A 78 9.48 2.25 10.77
N MET A 79 8.22 2.19 10.34
CA MET A 79 7.91 2.40 8.94
C MET A 79 8.25 3.82 8.52
N GLY A 80 8.00 4.79 9.42
CA GLY A 80 8.39 6.17 9.15
C GLY A 80 9.89 6.37 9.04
N VAL A 81 10.66 5.73 9.91
CA VAL A 81 12.13 5.75 9.78
C VAL A 81 12.54 5.14 8.46
N GLY A 82 11.90 4.03 8.07
CA GLY A 82 12.16 3.43 6.78
C GLY A 82 11.94 4.41 5.64
N LEU A 83 10.77 5.05 5.58
CA LEU A 83 10.47 6.01 4.51
C LEU A 83 11.51 7.11 4.46
N LEU A 84 11.90 7.66 5.63
CA LEU A 84 12.91 8.71 5.63
C LEU A 84 14.23 8.23 5.02
N GLY A 85 14.62 6.99 5.33
CA GLY A 85 15.85 6.45 4.78
C GLY A 85 15.71 6.03 3.33
N PHE A 86 14.55 5.49 2.97
CA PHE A 86 14.35 5.07 1.58
C PHE A 86 14.33 6.26 0.65
N ALA A 87 13.83 7.41 1.12
CA ALA A 87 13.85 8.61 0.29
C ALA A 87 15.26 8.94 -0.17
N ASP A 88 16.22 8.99 0.76
CA ASP A 88 17.59 9.28 0.38
C ASP A 88 18.26 8.09 -0.30
N ALA A 89 17.90 6.85 0.03
CA ALA A 89 18.55 5.72 -0.63
C ALA A 89 18.16 5.65 -2.11
N LEU A 90 16.86 5.80 -2.39
CA LEU A 90 16.41 5.73 -3.78
C LEU A 90 16.91 6.94 -4.57
N LYS A 91 17.00 8.08 -3.91
CA LYS A 91 17.55 9.28 -4.52
C LYS A 91 18.98 9.03 -4.99
N ARG A 92 19.80 8.38 -4.17
CA ARG A 92 21.18 8.08 -4.57
C ARG A 92 21.27 6.95 -5.58
N MET A 93 20.52 5.88 -5.38
CA MET A 93 20.54 4.76 -6.31
C MET A 93 19.74 5.19 -7.51
N GLN A 94 20.18 4.91 -8.68
CA GLN A 94 19.10 5.56 -9.44
C GLN A 94 18.39 4.46 -10.17
N PRO A 95 17.66 3.55 -9.48
CA PRO A 95 17.35 2.27 -10.14
C PRO A 95 16.39 2.48 -11.29
N ASP A 96 16.57 1.66 -12.32
CA ASP A 96 15.58 1.59 -13.38
C ASP A 96 14.40 0.71 -12.97
N VAL A 97 14.62 -0.22 -12.04
CA VAL A 97 13.59 -1.11 -11.54
C VAL A 97 13.90 -1.40 -10.08
N LEU A 98 12.87 -1.42 -9.25
CA LEU A 98 12.97 -1.94 -7.88
C LEU A 98 12.17 -3.23 -7.78
N VAL A 99 12.85 -4.32 -7.39
CA VAL A 99 12.22 -5.62 -7.17
C VAL A 99 11.85 -5.72 -5.71
N VAL A 100 10.57 -6.02 -5.44
CA VAL A 100 10.02 -6.08 -4.10
C VAL A 100 9.24 -7.39 -3.97
N LEU A 101 9.50 -8.16 -2.93
CA LEU A 101 8.84 -9.46 -2.75
C LEU A 101 7.95 -9.43 -1.52
N GLY A 102 6.72 -9.95 -1.65
CA GLY A 102 5.90 -10.29 -0.50
C GLY A 102 5.03 -9.18 0.10
N ASP A 103 4.89 -9.15 1.43
CA ASP A 103 3.86 -8.33 2.04
C ASP A 103 4.25 -7.74 3.40
N ARG A 104 5.54 -7.61 3.72
CA ARG A 104 5.88 -7.03 5.02
C ARG A 104 5.73 -5.50 4.97
N PHE A 105 5.59 -4.89 6.16
CA PHE A 105 5.32 -3.47 6.16
C PHE A 105 6.46 -2.66 5.58
N GLU A 106 7.72 -3.13 5.70
CA GLU A 106 8.80 -2.34 5.10
C GLU A 106 8.73 -2.40 3.57
N ALA A 107 8.15 -3.47 3.03
CA ALA A 107 7.98 -3.58 1.59
C ALA A 107 6.89 -2.62 1.10
N LEU A 108 5.82 -2.48 1.89
CA LEU A 108 4.83 -1.45 1.62
C LEU A 108 5.45 -0.06 1.61
N ALA A 109 6.31 0.22 2.59
CA ALA A 109 6.95 1.54 2.65
C ALA A 109 7.83 1.80 1.43
N VAL A 110 8.71 0.84 1.07
CA VAL A 110 9.59 1.16 -0.04
C VAL A 110 8.82 1.27 -1.34
N THR A 111 7.71 0.55 -1.48
CA THR A 111 6.94 0.59 -2.71
C THR A 111 6.30 1.95 -2.90
N GLN A 112 5.70 2.53 -1.84
CA GLN A 112 5.12 3.85 -1.99
C GLN A 112 6.20 4.92 -2.17
N ALA A 113 7.38 4.73 -1.57
CA ALA A 113 8.46 5.66 -1.85
C ALA A 113 8.83 5.62 -3.33
N ALA A 114 8.93 4.41 -3.89
CA ALA A 114 9.29 4.28 -5.31
C ALA A 114 8.18 4.85 -6.21
N LEU A 115 6.91 4.62 -5.84
CA LEU A 115 5.80 5.22 -6.59
C LEU A 115 5.94 6.74 -6.66
N ILE A 116 6.10 7.39 -5.50
CA ILE A 116 6.19 8.84 -5.45
C ILE A 116 7.39 9.32 -6.24
N MET A 117 8.47 8.56 -6.20
CA MET A 117 9.71 8.98 -6.83
C MET A 117 9.86 8.41 -8.25
N HIS A 118 8.82 7.75 -8.78
CA HIS A 118 8.81 7.26 -10.17
C HIS A 118 9.89 6.21 -10.46
N VAL A 119 10.17 5.36 -9.48
CA VAL A 119 10.99 4.17 -9.69
C VAL A 119 10.03 3.01 -9.94
N PRO A 120 10.07 2.36 -11.10
CA PRO A 120 9.09 1.30 -11.38
C PRO A 120 9.33 0.12 -10.45
N VAL A 121 8.25 -0.41 -9.88
CA VAL A 121 8.32 -1.53 -8.95
C VAL A 121 7.85 -2.80 -9.65
N ALA A 122 8.66 -3.86 -9.56
CA ALA A 122 8.29 -5.21 -9.93
C ALA A 122 8.01 -6.00 -8.65
N HIS A 123 6.77 -6.45 -8.48
CA HIS A 123 6.32 -7.09 -7.26
C HIS A 123 6.24 -8.59 -7.46
N LEU A 124 6.85 -9.35 -6.54
CA LEU A 124 6.80 -10.81 -6.57
C LEU A 124 5.84 -11.33 -5.49
N HIS A 125 5.02 -12.31 -5.87
CA HIS A 125 4.08 -13.03 -4.99
C HIS A 125 2.82 -12.24 -4.68
N GLY A 126 2.38 -11.38 -5.59
CA GLY A 126 1.08 -10.74 -5.44
C GLY A 126 -0.04 -11.74 -5.63
N GLY A 127 -1.25 -11.32 -5.25
CA GLY A 127 -2.44 -12.12 -5.54
C GLY A 127 -2.66 -13.31 -4.63
N GLU A 128 -1.84 -13.47 -3.60
CA GLU A 128 -1.97 -14.61 -2.72
C GLU A 128 -2.81 -14.23 -1.50
N ILE A 129 -3.30 -15.27 -0.82
CA ILE A 129 -4.23 -15.16 0.29
C ILE A 129 -3.61 -15.87 1.48
N THR A 130 -3.50 -15.16 2.61
CA THR A 130 -2.95 -15.70 3.86
C THR A 130 -3.37 -14.71 4.94
N GLU A 131 -4.35 -15.09 5.76
CA GLU A 131 -4.90 -14.17 6.74
C GLU A 131 -3.98 -14.14 7.97
N GLY A 132 -3.20 -13.08 8.07
CA GLY A 132 -2.59 -12.67 9.31
C GLY A 132 -3.33 -11.50 9.92
N ALA A 133 -2.62 -10.74 10.75
CA ALA A 133 -3.21 -9.54 11.35
C ALA A 133 -3.72 -8.59 10.28
N TYR A 134 -2.90 -8.35 9.25
CA TYR A 134 -3.24 -7.42 8.17
C TYR A 134 -2.35 -7.68 6.95
N ASP A 135 -1.64 -8.82 6.97
CA ASP A 135 -0.66 -9.11 5.92
C ASP A 135 -1.33 -9.16 4.55
N GLU A 136 -2.56 -9.67 4.50
CA GLU A 136 -3.30 -9.75 3.25
C GLU A 136 -3.53 -8.37 2.64
N SER A 137 -4.11 -7.46 3.42
CA SER A 137 -4.38 -6.12 2.91
C SER A 137 -3.10 -5.48 2.39
N ILE A 138 -2.01 -5.61 3.14
CA ILE A 138 -0.75 -4.98 2.73
C ILE A 138 -0.29 -5.52 1.38
N ARG A 139 -0.35 -6.84 1.21
CA ARG A 139 0.06 -7.45 -0.06
C ARG A 139 -0.68 -6.83 -1.22
N HIS A 140 -1.99 -6.63 -1.09
CA HIS A 140 -2.76 -6.08 -2.20
C HIS A 140 -2.53 -4.59 -2.37
N ALA A 141 -2.25 -3.86 -1.29
CA ALA A 141 -1.88 -2.46 -1.46
C ALA A 141 -0.59 -2.38 -2.25
N ILE A 142 0.37 -3.27 -1.97
CA ILE A 142 1.62 -3.26 -2.71
C ILE A 142 1.36 -3.52 -4.19
N THR A 143 0.53 -4.53 -4.51
CA THR A 143 0.14 -4.77 -5.91
C THR A 143 -0.34 -3.47 -6.57
N LYS A 144 -1.27 -2.75 -5.93
CA LYS A 144 -1.84 -1.55 -6.54
C LYS A 144 -0.80 -0.44 -6.76
N MET A 145 0.33 -0.48 -6.07
CA MET A 145 1.35 0.52 -6.28
C MET A 145 2.53 0.01 -7.09
N SER A 146 2.41 -1.17 -7.72
CA SER A 146 3.48 -1.76 -8.51
C SER A 146 3.14 -1.69 -9.99
N ASN A 147 4.17 -1.66 -10.84
CA ASN A 147 3.98 -1.51 -12.29
C ASN A 147 3.94 -2.84 -13.05
N ILE A 148 4.60 -3.87 -12.53
CA ILE A 148 4.62 -5.17 -13.18
C ILE A 148 4.63 -6.22 -12.07
N HIS A 149 4.12 -7.41 -12.37
CA HIS A 149 3.73 -8.38 -11.35
C HIS A 149 4.16 -9.78 -11.74
N PHE A 150 4.93 -10.41 -10.88
CA PHE A 150 5.46 -11.76 -11.12
C PHE A 150 4.82 -12.70 -10.11
N ALA A 151 3.78 -13.38 -10.54
CA ALA A 151 2.98 -14.25 -9.69
C ALA A 151 3.53 -15.68 -9.72
N ALA A 152 3.24 -16.41 -8.65
CA ALA A 152 3.78 -17.74 -8.52
C ALA A 152 2.86 -18.83 -9.10
N ALA A 153 1.63 -18.50 -9.49
CA ALA A 153 0.68 -19.50 -9.98
C ALA A 153 -0.45 -18.80 -10.73
N GLU A 154 -1.24 -19.59 -11.46
CA GLU A 154 -2.27 -18.98 -12.32
C GLU A 154 -3.38 -18.34 -11.50
N GLU A 155 -3.81 -19.00 -10.42
CA GLU A 155 -4.87 -18.41 -9.60
C GLU A 155 -4.44 -17.10 -8.99
N TYR A 156 -3.15 -16.97 -8.65
CA TYR A 156 -2.69 -15.69 -8.11
C TYR A 156 -2.63 -14.63 -9.21
N LYS A 157 -2.17 -15.01 -10.41
CA LYS A 157 -2.20 -14.08 -11.52
C LYS A 157 -3.62 -13.62 -11.81
N LYS A 158 -4.60 -14.53 -11.72
CA LYS A 158 -5.97 -14.12 -11.99
C LYS A 158 -6.47 -13.13 -10.94
N ARG A 159 -6.03 -13.27 -9.68
CA ARG A 159 -6.49 -12.34 -8.66
C ARG A 159 -5.82 -10.98 -8.81
N ILE A 160 -4.55 -10.96 -9.23
CA ILE A 160 -3.89 -9.68 -9.51
C ILE A 160 -4.63 -8.95 -10.62
N ILE A 161 -5.01 -9.68 -11.69
CA ILE A 161 -5.79 -9.04 -12.76
C ILE A 161 -7.13 -8.54 -12.24
N GLN A 162 -7.77 -9.30 -11.36
CA GLN A 162 -9.01 -8.82 -10.76
C GLN A 162 -8.78 -7.51 -10.00
N LEU A 163 -7.63 -7.39 -9.31
CA LEU A 163 -7.30 -6.16 -8.60
C LEU A 163 -7.09 -4.98 -9.55
N GLY A 164 -7.19 -5.21 -10.85
CA GLY A 164 -7.21 -4.11 -11.78
C GLY A 164 -5.91 -3.91 -12.51
N GLU A 165 -4.96 -4.83 -12.37
CA GLU A 165 -3.73 -4.77 -13.14
C GLU A 165 -3.98 -5.28 -14.56
N GLN A 166 -3.35 -4.64 -15.54
CA GLN A 166 -3.49 -5.09 -16.92
C GLN A 166 -2.94 -6.51 -17.10
N PRO A 167 -3.66 -7.39 -17.80
CA PRO A 167 -3.11 -8.74 -18.07
C PRO A 167 -1.69 -8.73 -18.64
N GLU A 168 -1.37 -7.77 -19.50
CA GLU A 168 -0.03 -7.72 -20.06
C GLU A 168 1.03 -7.22 -19.08
N ARG A 169 0.66 -6.88 -17.85
CA ARG A 169 1.65 -6.57 -16.81
C ARG A 169 1.75 -7.67 -15.77
N VAL A 170 1.05 -8.79 -15.93
CA VAL A 170 1.02 -9.83 -14.92
C VAL A 170 1.53 -11.11 -15.54
N PHE A 171 2.45 -11.78 -14.85
CA PHE A 171 3.16 -12.93 -15.40
C PHE A 171 3.23 -14.02 -14.37
N ASN A 172 2.72 -15.20 -14.72
CA ASN A 172 2.88 -16.39 -13.89
C ASN A 172 4.26 -16.96 -14.20
N VAL A 173 5.22 -16.77 -13.29
CA VAL A 173 6.57 -17.25 -13.49
C VAL A 173 6.95 -18.37 -12.52
N GLY A 174 6.03 -18.79 -11.65
CA GLY A 174 6.37 -19.71 -10.60
C GLY A 174 7.01 -19.01 -9.39
N ALA A 175 7.35 -19.83 -8.39
CA ALA A 175 7.91 -19.35 -7.14
C ALA A 175 9.43 -19.30 -7.23
N LEU A 176 9.99 -18.10 -7.09
CA LEU A 176 11.43 -17.92 -7.26
C LEU A 176 12.21 -18.74 -6.27
N GLY A 177 11.68 -18.96 -5.08
CA GLY A 177 12.41 -19.71 -4.08
C GLY A 177 12.69 -21.13 -4.52
N LEU A 178 11.86 -21.66 -5.42
CA LEU A 178 12.05 -23.04 -5.85
C LEU A 178 13.21 -23.21 -6.81
N ASP A 179 13.79 -22.10 -7.29
CA ASP A 179 15.05 -22.20 -8.04
C ASP A 179 16.14 -22.90 -7.23
N HIS A 180 16.06 -22.84 -5.88
CA HIS A 180 17.00 -23.59 -5.03
C HIS A 180 16.90 -25.10 -5.26
N ILE A 181 15.68 -25.60 -5.51
CA ILE A 181 15.52 -27.04 -5.79
C ILE A 181 16.22 -27.40 -7.09
N GLN A 182 16.09 -26.54 -8.10
CA GLN A 182 16.64 -26.84 -9.41
C GLN A 182 18.15 -26.66 -9.45
N ARG A 183 18.71 -25.83 -8.59
CA ARG A 183 20.11 -25.44 -8.71
C ARG A 183 21.00 -26.00 -7.62
N THR A 184 20.43 -26.69 -6.63
CA THR A 184 21.25 -27.17 -5.53
C THR A 184 21.91 -28.50 -5.90
N THR A 185 23.15 -28.65 -5.48
CA THR A 185 23.82 -29.94 -5.43
C THR A 185 23.59 -30.50 -4.03
N PHE A 186 22.74 -31.52 -3.93
CA PHE A 186 22.36 -32.00 -2.60
C PHE A 186 23.48 -32.80 -1.95
N LYS A 187 23.57 -32.70 -0.63
CA LYS A 187 24.47 -33.58 0.12
C LYS A 187 23.89 -34.99 0.15
N SER A 188 24.77 -35.99 0.13
CA SER A 188 24.31 -37.37 0.21
C SER A 188 24.07 -37.77 1.66
N ILE A 189 23.45 -38.95 1.84
CA ILE A 189 23.24 -39.51 3.17
C ILE A 189 24.56 -39.56 3.93
N SER A 190 25.61 -40.03 3.28
CA SER A 190 26.92 -40.14 3.94
C SER A 190 27.45 -38.78 4.36
N GLU A 191 27.40 -37.81 3.45
CA GLU A 191 27.91 -36.47 3.78
C GLU A 191 27.10 -35.86 4.92
N LEU A 192 25.78 -36.02 4.89
CA LEU A 192 24.96 -35.51 5.98
C LEU A 192 25.27 -36.25 7.28
N SER A 193 25.41 -37.57 7.22
CA SER A 193 25.71 -38.34 8.42
C SER A 193 27.02 -37.90 9.06
N GLU A 194 28.04 -37.66 8.24
CA GLU A 194 29.32 -37.19 8.77
C GLU A 194 29.21 -35.77 9.32
N LEU A 195 28.46 -34.90 8.65
CA LEU A 195 28.44 -33.50 9.05
C LEU A 195 27.70 -33.30 10.37
N TYR A 196 26.63 -34.06 10.59
CA TYR A 196 25.79 -33.89 11.78
C TYR A 196 25.89 -35.05 12.75
N ASP A 197 26.83 -35.97 12.56
CA ASP A 197 27.07 -37.09 13.47
C ASP A 197 25.76 -37.76 13.86
N PHE A 198 25.16 -38.41 12.86
CA PHE A 198 23.80 -38.91 12.96
C PHE A 198 23.53 -39.74 11.73
N ASP A 199 22.87 -40.88 11.90
CA ASP A 199 22.66 -41.78 10.76
C ASP A 199 21.39 -41.38 10.04
N PHE A 200 21.56 -40.66 8.93
CA PHE A 200 20.43 -40.32 8.06
C PHE A 200 19.95 -41.51 7.24
N SER A 201 20.71 -42.61 7.19
CA SER A 201 20.30 -43.76 6.40
C SER A 201 19.03 -44.40 6.95
N LYS A 202 18.66 -44.08 8.18
CA LYS A 202 17.43 -44.68 8.65
C LYS A 202 16.29 -43.66 8.62
N PRO A 203 15.10 -44.16 8.23
CA PRO A 203 13.92 -43.29 8.08
C PRO A 203 13.80 -42.18 9.11
N TYR A 204 13.39 -40.99 8.67
CA TYR A 204 13.23 -39.88 9.58
C TYR A 204 12.21 -38.90 9.04
N PHE A 205 11.63 -38.12 9.96
CA PHE A 205 10.77 -36.99 9.65
C PHE A 205 11.58 -35.71 9.85
N LEU A 206 11.38 -34.77 8.93
CA LEU A 206 11.79 -33.39 9.14
C LEU A 206 10.51 -32.63 9.44
N ILE A 207 10.35 -32.25 10.69
CA ILE A 207 9.24 -31.39 11.12
C ILE A 207 9.66 -29.92 11.05
N THR A 208 8.73 -29.01 10.81
CA THR A 208 9.00 -27.58 11.07
C THR A 208 7.71 -26.99 11.56
N TYR A 209 7.65 -26.73 12.89
CA TYR A 209 6.50 -26.10 13.53
C TYR A 209 6.94 -24.72 13.99
N HIS A 210 6.45 -23.71 13.33
CA HIS A 210 6.77 -22.36 13.74
C HIS A 210 5.78 -21.87 14.79
N PRO A 211 6.23 -20.98 15.70
CA PRO A 211 5.29 -20.41 16.69
C PRO A 211 4.10 -19.73 16.03
N GLU A 212 3.03 -20.49 15.84
CA GLU A 212 1.79 -19.97 15.25
C GLU A 212 1.28 -18.82 16.11
N THR A 213 1.62 -17.59 15.72
CA THR A 213 1.38 -16.42 16.58
C THR A 213 -0.12 -16.20 16.83
N ASN A 214 -0.98 -16.64 15.90
CA ASN A 214 -2.42 -16.44 16.04
C ASN A 214 -3.03 -17.39 17.05
N LEU A 215 -2.51 -18.61 17.16
CA LEU A 215 -3.04 -19.61 18.10
C LEU A 215 -2.33 -19.46 19.45
N LEU A 216 -2.72 -18.40 20.17
CA LEU A 216 -2.22 -18.16 21.52
C LEU A 216 -2.78 -19.22 22.47
N GLU A 217 -2.19 -19.28 23.68
CA GLU A 217 -2.32 -20.44 24.56
C GLU A 217 -1.91 -21.70 23.79
N GLU A 218 -0.80 -21.60 23.08
CA GLU A 218 -0.35 -22.57 22.09
C GLU A 218 0.02 -23.88 22.78
N ASN A 219 -0.88 -24.85 22.74
CA ASN A 219 -0.68 -26.17 23.34
C ASN A 219 -0.35 -27.15 22.23
N VAL A 220 0.93 -27.50 22.13
CA VAL A 220 1.41 -28.43 21.11
C VAL A 220 1.47 -29.83 21.71
N ALA A 221 0.63 -30.10 22.70
CA ALA A 221 0.56 -31.46 23.25
C ALA A 221 0.15 -32.48 22.20
N PRO A 222 -0.95 -32.30 21.45
CA PRO A 222 -1.27 -33.28 20.40
C PRO A 222 -0.22 -33.35 19.31
N LEU A 223 0.66 -32.34 19.23
CA LEU A 223 1.77 -32.34 18.29
C LEU A 223 2.78 -33.45 18.60
N PHE A 224 3.43 -33.37 19.76
CA PHE A 224 4.53 -34.25 20.12
C PHE A 224 4.05 -35.62 20.58
N ASP A 225 2.86 -35.66 21.21
CA ASP A 225 2.24 -36.95 21.52
C ASP A 225 1.98 -37.75 20.26
N ALA A 226 1.75 -37.06 19.13
CA ALA A 226 1.51 -37.72 17.86
C ALA A 226 2.75 -38.36 17.27
N LEU A 227 3.94 -38.11 17.84
CA LEU A 227 5.17 -38.66 17.29
C LEU A 227 5.79 -39.75 18.15
N LYS A 228 5.64 -39.69 19.48
CA LYS A 228 6.13 -40.76 20.34
C LYS A 228 5.41 -42.07 20.09
N GLN A 229 4.25 -42.04 19.44
CA GLN A 229 3.50 -43.25 19.12
C GLN A 229 3.99 -43.93 17.84
N ILE A 230 4.57 -43.16 16.92
CA ILE A 230 5.10 -43.73 15.68
C ILE A 230 6.41 -44.43 15.99
N ASN A 231 6.44 -45.74 15.73
CA ASN A 231 7.62 -46.54 16.02
C ASN A 231 8.59 -46.49 14.86
N ASP A 232 9.87 -46.68 15.19
CA ASP A 232 10.93 -46.94 14.20
C ASP A 232 11.20 -45.74 13.28
N VAL A 233 11.24 -44.54 13.85
CA VAL A 233 11.42 -43.30 13.07
C VAL A 233 12.23 -42.31 13.89
N ASN A 234 13.24 -41.70 13.26
CA ASN A 234 13.99 -40.61 13.87
C ASN A 234 13.31 -39.27 13.58
N PHE A 235 13.66 -38.26 14.37
CA PHE A 235 13.01 -36.95 14.30
C PHE A 235 14.06 -35.86 14.17
N ILE A 236 14.08 -35.19 13.02
CA ILE A 236 15.08 -34.20 12.66
C ILE A 236 14.39 -32.86 12.52
N PHE A 237 14.99 -31.83 13.11
CA PHE A 237 14.53 -30.47 12.87
C PHE A 237 15.51 -29.42 13.42
N SER A 238 15.54 -28.26 12.72
CA SER A 238 16.07 -26.95 13.10
C SER A 238 15.26 -26.27 14.20
N TYR A 239 15.55 -25.00 14.45
CA TYR A 239 14.83 -24.28 15.48
C TYR A 239 13.70 -23.47 14.85
N PRO A 240 12.54 -23.36 15.51
CA PRO A 240 11.50 -22.46 15.02
C PRO A 240 11.91 -21.01 15.18
N ASN A 241 11.64 -20.21 14.15
CA ASN A 241 12.12 -18.83 14.12
C ASN A 241 11.52 -18.00 15.26
N ALA A 242 12.02 -16.78 15.40
CA ALA A 242 11.70 -15.92 16.54
C ALA A 242 10.32 -15.29 16.35
N ASP A 243 9.32 -15.86 17.04
CA ASP A 243 7.99 -15.26 17.15
C ASP A 243 7.57 -15.23 18.61
N ASN A 244 6.33 -14.84 18.89
CA ASN A 244 5.85 -14.76 20.28
C ASN A 244 5.44 -16.15 20.76
N GLY A 245 6.44 -16.94 21.13
CA GLY A 245 6.21 -18.26 21.71
C GLY A 245 7.11 -19.35 21.19
N ASN A 246 8.38 -19.03 20.94
CA ASN A 246 9.33 -20.04 20.45
C ASN A 246 9.96 -20.85 21.56
N THR A 247 10.04 -20.30 22.78
CA THR A 247 10.61 -21.05 23.90
C THR A 247 9.69 -22.17 24.36
N ASN A 248 8.38 -22.03 24.15
CA ASN A 248 7.48 -23.15 24.33
C ASN A 248 7.73 -24.27 23.33
N ILE A 249 8.52 -24.00 22.27
CA ILE A 249 8.88 -25.01 21.29
C ILE A 249 10.35 -25.41 21.50
N VAL A 250 11.18 -24.46 21.96
CA VAL A 250 12.59 -24.78 22.22
C VAL A 250 12.69 -25.90 23.25
N LYS A 251 11.76 -25.95 24.20
CA LYS A 251 11.77 -26.93 25.27
C LYS A 251 10.94 -28.16 24.91
N ALA A 252 9.85 -27.98 24.18
CA ALA A 252 9.05 -29.11 23.73
C ALA A 252 9.85 -30.03 22.82
N MET A 253 10.84 -29.48 22.11
CA MET A 253 11.78 -30.30 21.37
C MET A 253 12.88 -30.84 22.29
N LEU A 254 13.49 -29.95 23.08
CA LEU A 254 14.53 -30.38 24.02
C LEU A 254 14.01 -31.45 24.96
N ASP A 255 12.71 -31.42 25.28
CA ASP A 255 12.07 -32.52 25.99
C ASP A 255 12.32 -33.84 25.28
N LEU A 256 12.06 -33.88 23.97
CA LEU A 256 12.17 -35.14 23.24
C LEU A 256 13.61 -35.56 23.01
N LYS A 257 14.57 -34.64 23.07
CA LYS A 257 15.96 -35.03 22.85
C LYS A 257 16.57 -35.67 24.11
N ALA A 258 16.32 -35.11 25.28
CA ALA A 258 16.76 -35.78 26.50
C ALA A 258 16.02 -37.08 26.70
N GLN A 259 14.79 -37.18 26.18
CA GLN A 259 14.00 -38.40 26.30
C GLN A 259 14.52 -39.49 25.37
N LEU A 260 14.84 -39.15 24.11
CA LEU A 260 15.32 -40.10 23.12
C LEU A 260 16.57 -39.55 22.46
N PRO A 261 17.72 -39.61 23.15
CA PRO A 261 18.90 -38.88 22.63
C PRO A 261 19.49 -39.45 21.35
N ASP A 262 19.37 -40.76 21.10
CA ASP A 262 19.87 -41.35 19.88
C ASP A 262 18.75 -41.68 18.89
N ARG A 263 17.74 -40.81 18.83
CA ARG A 263 16.60 -40.98 17.96
C ARG A 263 16.14 -39.61 17.46
N VAL A 264 16.64 -38.54 18.09
CA VAL A 264 16.23 -37.17 17.81
C VAL A 264 17.47 -36.32 17.58
N LEU A 265 17.44 -35.50 16.52
CA LEU A 265 18.53 -34.61 16.18
C LEU A 265 18.01 -33.18 16.12
N LEU A 266 18.57 -32.32 16.96
CA LEU A 266 18.25 -30.90 16.96
C LEU A 266 19.37 -30.16 16.23
N VAL A 267 18.98 -29.19 15.41
CA VAL A 267 19.88 -28.61 14.41
C VAL A 267 19.83 -27.10 14.50
N LYS A 268 20.96 -26.50 14.88
CA LYS A 268 21.41 -25.15 14.56
C LYS A 268 20.52 -24.36 13.61
N SER A 269 21.10 -24.01 12.47
CA SER A 269 20.37 -23.65 11.26
C SER A 269 21.04 -24.40 10.12
N PHE A 270 20.26 -25.19 9.38
CA PHE A 270 20.84 -26.01 8.33
C PHE A 270 21.61 -25.18 7.31
N GLY A 271 21.04 -24.06 6.90
CA GLY A 271 21.49 -23.44 5.67
C GLY A 271 20.81 -24.14 4.51
N ILE A 272 20.58 -23.42 3.42
CA ILE A 272 19.59 -23.85 2.43
C ILE A 272 20.00 -25.18 1.80
N GLN A 273 21.27 -25.34 1.44
CA GLN A 273 21.69 -26.55 0.75
C GLN A 273 21.58 -27.78 1.64
N ASN A 274 22.04 -27.68 2.89
CA ASN A 274 21.91 -28.82 3.79
C ASN A 274 20.45 -29.08 4.17
N TYR A 275 19.67 -28.01 4.29
CA TYR A 275 18.24 -28.14 4.59
C TYR A 275 17.53 -28.94 3.49
N LEU A 276 17.70 -28.53 2.24
CA LEU A 276 17.03 -29.24 1.15
C LEU A 276 17.53 -30.68 1.05
N SER A 277 18.81 -30.91 1.35
CA SER A 277 19.34 -32.27 1.34
C SER A 277 18.72 -33.12 2.44
N VAL A 278 18.54 -32.56 3.63
CA VAL A 278 17.83 -33.29 4.67
C VAL A 278 16.37 -33.50 4.27
N LEU A 279 15.74 -32.44 3.78
CA LEU A 279 14.35 -32.52 3.35
C LEU A 279 14.15 -33.58 2.29
N LYS A 280 15.05 -33.64 1.31
CA LYS A 280 14.89 -34.50 0.15
C LYS A 280 14.72 -35.96 0.55
N ASN A 281 15.44 -36.40 1.59
CA ASN A 281 15.44 -37.79 2.01
C ASN A 281 14.55 -38.05 3.22
N ALA A 282 13.67 -37.13 3.57
CA ALA A 282 12.77 -37.36 4.70
C ALA A 282 11.56 -38.15 4.26
N LEU A 283 10.98 -38.89 5.22
CA LEU A 283 9.73 -39.61 4.96
C LEU A 283 8.61 -38.65 4.62
N ALA A 284 8.49 -37.55 5.35
CA ALA A 284 7.50 -36.52 5.08
C ALA A 284 7.89 -35.27 5.86
N MET A 285 7.44 -34.13 5.36
CA MET A 285 7.65 -32.86 6.02
C MET A 285 6.40 -32.51 6.80
N VAL A 286 6.54 -32.33 8.10
CA VAL A 286 5.39 -32.12 8.96
C VAL A 286 5.60 -30.83 9.72
N GLY A 287 4.52 -30.26 10.23
CA GLY A 287 4.63 -28.95 10.84
C GLY A 287 3.81 -27.92 10.08
N ASN A 288 4.15 -26.65 10.20
CA ASN A 288 3.38 -25.60 9.56
C ASN A 288 4.27 -24.60 8.83
N SER A 289 5.45 -25.05 8.37
CA SER A 289 6.35 -24.15 7.66
C SER A 289 5.85 -23.90 6.24
N SER A 290 6.31 -22.79 5.65
CA SER A 290 6.02 -22.59 4.25
C SER A 290 6.78 -23.58 3.38
N SER A 291 7.91 -24.09 3.87
CA SER A 291 8.62 -25.19 3.21
C SER A 291 7.66 -26.32 2.88
N GLY A 292 6.71 -26.61 3.78
CA GLY A 292 5.80 -27.72 3.55
C GLY A 292 4.91 -27.53 2.34
N LEU A 293 4.66 -26.29 1.94
CA LEU A 293 3.72 -26.02 0.85
C LEU A 293 4.40 -25.59 -0.45
N SER A 294 5.71 -25.76 -0.57
CA SER A 294 6.36 -25.52 -1.85
C SER A 294 7.57 -26.42 -2.02
N GLU A 295 8.48 -26.43 -1.03
CA GLU A 295 9.74 -27.15 -1.20
C GLU A 295 9.55 -28.65 -1.09
N ALA A 296 8.70 -29.10 -0.17
CA ALA A 296 8.48 -30.53 -0.05
C ALA A 296 7.76 -31.09 -1.27
N PRO A 297 6.65 -30.52 -1.74
CA PRO A 297 6.08 -30.95 -3.03
C PRO A 297 7.08 -30.98 -4.17
N ALA A 298 7.97 -29.99 -4.26
CA ALA A 298 8.94 -29.97 -5.37
C ALA A 298 9.95 -31.10 -5.26
N LEU A 299 10.12 -31.69 -4.08
CA LEU A 299 11.05 -32.78 -3.87
C LEU A 299 10.34 -34.12 -3.79
N GLN A 300 9.05 -34.15 -4.15
CA GLN A 300 8.22 -35.35 -4.09
C GLN A 300 8.23 -35.96 -2.69
N VAL A 301 8.28 -35.10 -1.68
CA VAL A 301 8.24 -35.54 -0.28
C VAL A 301 6.88 -35.16 0.29
N PRO A 302 6.12 -36.11 0.83
CA PRO A 302 4.79 -35.79 1.37
C PRO A 302 4.87 -34.76 2.49
N THR A 303 3.77 -34.04 2.67
CA THR A 303 3.67 -32.98 3.66
C THR A 303 2.42 -33.17 4.50
N VAL A 304 2.57 -33.09 5.82
CA VAL A 304 1.43 -33.03 6.73
C VAL A 304 1.49 -31.67 7.41
N ASN A 305 0.66 -30.74 6.93
CA ASN A 305 0.61 -29.41 7.50
C ASN A 305 -0.31 -29.39 8.73
N ILE A 306 0.12 -28.66 9.75
CA ILE A 306 -0.56 -28.63 11.04
C ILE A 306 -1.03 -27.21 11.31
N GLY A 307 -2.17 -27.08 11.98
CA GLY A 307 -2.71 -25.77 12.26
C GLY A 307 -3.13 -25.07 10.99
N ASP A 308 -3.27 -23.76 11.08
CA ASP A 308 -3.68 -22.97 9.94
C ASP A 308 -2.71 -21.81 9.70
N ARG A 309 -1.43 -22.04 9.95
CA ARG A 309 -0.44 -21.00 9.65
C ARG A 309 -0.23 -20.84 8.16
N GLN A 310 -0.45 -21.90 7.38
CA GLN A 310 -0.25 -21.88 5.94
C GLN A 310 -1.56 -21.84 5.17
N LYS A 311 -2.68 -21.56 5.85
CA LYS A 311 -3.98 -21.48 5.20
C LYS A 311 -3.97 -20.50 4.04
N GLY A 312 -4.74 -20.83 2.98
CA GLY A 312 -4.81 -20.01 1.80
C GLY A 312 -3.79 -20.34 0.73
N ARG A 313 -2.66 -20.94 1.10
CA ARG A 313 -1.71 -21.41 0.11
C ARG A 313 -2.33 -22.51 -0.73
N LEU A 314 -2.00 -22.54 -2.02
CA LEU A 314 -2.52 -23.56 -2.92
C LEU A 314 -2.18 -24.95 -2.42
N ARG A 315 -3.16 -25.84 -2.43
CA ARG A 315 -2.97 -27.23 -2.08
C ARG A 315 -2.87 -28.10 -3.33
N CYS A 316 -2.35 -29.30 -3.15
CA CYS A 316 -2.18 -30.23 -4.28
C CYS A 316 -2.18 -31.66 -3.75
N GLU A 317 -1.65 -32.59 -4.56
CA GLU A 317 -1.68 -34.00 -4.21
C GLU A 317 -0.79 -34.31 -3.01
N SER A 318 0.41 -33.73 -2.99
CA SER A 318 1.43 -34.09 -2.02
C SER A 318 1.08 -33.72 -0.60
N ILE A 319 0.09 -32.85 -0.43
CA ILE A 319 -0.16 -32.20 0.85
C ILE A 319 -1.34 -32.87 1.52
N LEU A 320 -1.27 -32.98 2.85
CA LEU A 320 -2.41 -33.45 3.64
C LEU A 320 -2.45 -32.63 4.92
N ASP A 321 -3.50 -31.83 5.08
CA ASP A 321 -3.64 -30.96 6.25
C ASP A 321 -4.28 -31.72 7.40
N VAL A 322 -3.86 -31.37 8.60
CA VAL A 322 -4.44 -31.90 9.83
C VAL A 322 -4.59 -30.76 10.84
N ARG A 323 -5.53 -30.95 11.74
CA ARG A 323 -5.72 -30.12 12.91
C ARG A 323 -4.58 -30.31 13.89
N LEU A 324 -4.47 -29.37 14.84
CA LEU A 324 -3.68 -29.64 16.03
C LEU A 324 -4.48 -30.60 16.91
N ASP A 325 -4.61 -31.85 16.43
CA ASP A 325 -5.38 -32.90 17.07
C ASP A 325 -4.54 -34.17 17.04
N GLU A 326 -4.38 -34.80 18.21
CA GLU A 326 -3.40 -35.86 18.37
C GLU A 326 -3.64 -37.02 17.40
N ASN A 327 -4.90 -37.45 17.25
CA ASN A 327 -5.21 -38.63 16.46
C ASN A 327 -5.16 -38.35 14.96
N GLU A 328 -5.70 -37.21 14.53
CA GLU A 328 -5.65 -36.85 13.11
C GLU A 328 -4.22 -36.75 12.62
N ILE A 329 -3.29 -36.32 13.48
CA ILE A 329 -1.90 -36.21 13.07
C ILE A 329 -1.31 -37.58 12.79
N VAL A 330 -1.40 -38.51 13.76
CA VAL A 330 -0.73 -39.81 13.63
C VAL A 330 -1.23 -40.55 12.39
N GLU A 331 -2.54 -40.51 12.14
CA GLU A 331 -3.08 -41.14 10.93
C GLU A 331 -2.36 -40.63 9.68
N ALA A 332 -1.93 -39.36 9.70
CA ALA A 332 -1.17 -38.82 8.59
C ALA A 332 0.26 -39.37 8.59
N LEU A 333 0.94 -39.32 9.74
CA LEU A 333 2.31 -39.83 9.82
C LEU A 333 2.41 -41.24 9.27
N GLN A 334 1.51 -42.12 9.71
CA GLN A 334 1.80 -43.55 9.64
C GLN A 334 1.93 -44.05 8.20
N LYS A 335 0.97 -43.78 7.34
CA LYS A 335 1.17 -44.12 5.94
C LYS A 335 1.07 -42.90 5.04
N ALA A 336 1.64 -41.78 5.53
CA ALA A 336 2.53 -41.01 4.68
C ALA A 336 3.81 -41.79 4.41
N ILE A 337 4.02 -42.91 5.12
CA ILE A 337 5.18 -43.77 4.94
C ILE A 337 5.02 -44.76 3.79
N ASN A 338 3.82 -44.83 3.19
CA ASN A 338 3.62 -45.61 1.97
C ASN A 338 4.20 -44.93 0.74
N PHE A 339 4.13 -43.60 0.70
CA PHE A 339 3.96 -42.84 -0.53
C PHE A 339 5.18 -42.82 -1.44
N PRO A 349 4.54 -28.93 -9.92
CA PRO A 349 4.33 -28.24 -11.21
C PRO A 349 3.63 -26.86 -11.18
N PRO A 350 2.59 -26.63 -10.35
CA PRO A 350 1.90 -25.32 -10.43
C PRO A 350 2.78 -24.14 -10.03
N LEU A 351 3.62 -24.29 -9.00
CA LEU A 351 4.58 -23.27 -8.64
C LEU A 351 5.87 -23.40 -9.46
N GLY A 352 5.86 -24.13 -10.56
CA GLY A 352 7.02 -24.22 -11.43
C GLY A 352 8.05 -25.21 -10.93
N LEU A 353 9.07 -25.44 -11.77
CA LEU A 353 10.12 -26.39 -11.45
C LEU A 353 11.40 -25.73 -10.96
N GLY A 354 11.48 -24.40 -10.98
CA GLY A 354 12.65 -23.72 -10.49
C GLY A 354 13.45 -22.99 -11.56
N ASN A 355 12.82 -22.59 -12.67
CA ASN A 355 13.48 -21.68 -13.60
C ASN A 355 12.89 -20.26 -13.54
N THR A 356 12.48 -19.85 -12.35
CA THR A 356 11.75 -18.58 -12.23
C THR A 356 12.65 -17.38 -12.46
N SER A 357 13.89 -17.44 -11.97
CA SER A 357 14.73 -16.26 -12.11
C SER A 357 14.89 -15.88 -13.58
N GLN A 358 15.16 -16.85 -14.43
CA GLN A 358 15.38 -16.53 -15.83
C GLN A 358 14.11 -16.04 -16.52
N LYS A 359 12.94 -16.53 -16.10
CA LYS A 359 11.70 -16.02 -16.69
C LYS A 359 11.48 -14.57 -16.32
N ILE A 360 11.78 -14.22 -15.07
CA ILE A 360 11.65 -12.83 -14.62
C ILE A 360 12.58 -11.93 -15.42
N ILE A 361 13.85 -12.30 -15.52
CA ILE A 361 14.82 -11.46 -16.21
C ILE A 361 14.44 -11.31 -17.67
N GLU A 362 13.98 -12.40 -18.28
CA GLU A 362 13.49 -12.34 -19.64
C GLU A 362 12.39 -11.28 -19.76
N VAL A 363 11.41 -11.32 -18.87
CA VAL A 363 10.32 -10.35 -18.99
C VAL A 363 10.83 -8.93 -18.77
N ILE A 364 11.70 -8.75 -17.78
CA ILE A 364 12.18 -7.40 -17.47
C ILE A 364 12.95 -6.80 -18.64
N LYS A 365 13.71 -7.62 -19.36
CA LYS A 365 14.52 -7.07 -20.43
C LYS A 365 13.71 -6.69 -21.65
N THR A 366 12.52 -7.28 -21.82
CA THR A 366 11.76 -7.15 -23.05
C THR A 366 10.42 -6.44 -22.87
N THR A 367 10.13 -5.93 -21.67
CA THR A 367 8.85 -5.32 -21.38
C THR A 367 9.06 -3.89 -20.90
N ASP A 368 8.26 -2.96 -21.42
CA ASP A 368 8.30 -1.59 -20.97
C ASP A 368 7.30 -1.44 -19.84
N PHE A 369 7.81 -1.14 -18.64
CA PHE A 369 6.86 -0.92 -17.55
C PHE A 369 7.22 0.32 -16.76
N LYS A 370 7.62 1.39 -17.45
CA LYS A 370 8.06 2.59 -16.75
C LYS A 370 6.89 3.31 -16.08
N LYS A 371 5.73 3.31 -16.73
CA LYS A 371 4.53 3.93 -16.16
C LYS A 371 3.57 2.86 -15.67
N LYS A 372 2.82 3.19 -14.62
CA LYS A 372 1.67 2.37 -14.24
C LYS A 372 0.67 2.30 -15.39
N ALA A 373 0.26 1.08 -15.76
CA ALA A 373 -0.75 0.91 -16.82
C ALA A 373 -2.12 1.40 -16.35
N PRO A 374 -3.05 1.69 -17.28
CA PRO A 374 -4.41 2.08 -16.89
C PRO A 374 -5.11 0.99 -16.08
N PHE A 375 -6.01 1.42 -15.19
CA PHE A 375 -6.78 0.46 -14.41
C PHE A 375 -7.55 -0.47 -15.36
N TYR A 376 -7.58 -1.76 -15.03
CA TYR A 376 -8.20 -2.78 -15.88
C TYR A 376 -9.56 -3.15 -15.31
N ASP A 377 -10.64 -2.67 -15.94
CA ASP A 377 -11.99 -3.09 -15.61
C ASP A 377 -12.32 -4.43 -16.27
N LEU A 378 -12.83 -5.37 -15.48
CA LEU A 378 -13.28 -6.63 -16.03
C LEU A 378 -14.58 -6.41 -16.77
N LEU A 379 -14.76 -7.12 -17.88
CA LEU A 379 -15.99 -6.95 -18.64
C LEU A 379 -16.92 -8.14 -18.45
N MET B 1 -19.74 5.17 24.18
CA MET B 1 -19.93 6.12 23.10
C MET B 1 -18.85 5.95 22.02
N LYS B 2 -19.27 5.97 20.77
CA LYS B 2 -18.37 5.64 19.67
C LYS B 2 -17.51 6.86 19.30
N LYS B 3 -16.20 6.66 19.27
CA LYS B 3 -15.26 7.72 18.93
C LYS B 3 -14.95 7.62 17.43
N ILE B 4 -15.47 8.57 16.66
CA ILE B 4 -15.26 8.67 15.22
C ILE B 4 -14.19 9.73 14.99
N ALA B 5 -12.99 9.30 14.63
CA ALA B 5 -11.93 10.21 14.26
C ALA B 5 -12.05 10.57 12.79
N VAL B 6 -11.92 11.86 12.46
CA VAL B 6 -11.90 12.30 11.08
C VAL B 6 -10.50 12.87 10.78
N PHE B 7 -9.87 12.31 9.76
CA PHE B 7 -8.59 12.77 9.25
C PHE B 7 -8.78 13.88 8.24
N THR B 8 -7.95 14.92 8.35
CA THR B 8 -7.94 15.92 7.28
C THR B 8 -6.54 16.50 7.11
N GLY B 9 -6.11 16.60 5.86
CA GLY B 9 -4.78 17.10 5.56
C GLY B 9 -4.76 18.31 4.63
N THR B 10 -5.92 18.74 4.12
CA THR B 10 -6.00 19.85 3.18
C THR B 10 -7.31 20.60 3.38
N ARG B 11 -7.27 21.89 3.04
CA ARG B 11 -8.46 22.73 3.15
C ARG B 11 -9.61 22.17 2.35
N ALA B 12 -9.32 21.65 1.17
CA ALA B 12 -10.41 21.29 0.28
C ALA B 12 -11.09 20.03 0.77
N GLU B 13 -10.29 19.04 1.21
CA GLU B 13 -10.84 17.83 1.80
C GLU B 13 -11.56 18.14 3.12
N TYR B 14 -11.05 19.09 3.91
CA TYR B 14 -11.80 19.55 5.09
C TYR B 14 -13.17 20.08 4.66
N GLY B 15 -13.20 20.85 3.57
CA GLY B 15 -14.47 21.34 3.06
C GLY B 15 -15.42 20.21 2.67
N LEU B 16 -14.91 19.19 2.01
CA LEU B 16 -15.76 18.06 1.62
C LEU B 16 -16.31 17.33 2.84
N LEU B 17 -15.50 17.22 3.90
CA LEU B 17 -15.84 16.49 5.12
C LEU B 17 -16.72 17.29 6.07
N TYR B 18 -16.90 18.59 5.83
CA TYR B 18 -17.43 19.50 6.86
C TYR B 18 -18.75 19.00 7.46
N TRP B 19 -19.72 18.64 6.62
CA TRP B 19 -21.04 18.33 7.18
C TRP B 19 -21.05 17.01 7.95
N LEU B 20 -20.21 16.04 7.55
CA LEU B 20 -20.06 14.83 8.36
C LEU B 20 -19.50 15.17 9.74
N MET B 21 -18.45 16.00 9.78
CA MET B 21 -17.86 16.38 11.06
C MET B 21 -18.88 17.14 11.91
N ARG B 22 -19.62 18.06 11.28
CA ARG B 22 -20.60 18.83 12.03
C ARG B 22 -21.68 17.93 12.61
N ASP B 23 -22.14 16.96 11.83
CA ASP B 23 -23.21 16.07 12.29
C ASP B 23 -22.71 15.08 13.35
N ILE B 24 -21.49 14.53 13.17
CA ILE B 24 -20.92 13.72 14.25
C ILE B 24 -20.82 14.54 15.53
N GLN B 25 -20.29 15.76 15.43
CA GLN B 25 -20.19 16.62 16.61
C GLN B 25 -21.56 16.85 17.25
N GLN B 26 -22.56 17.13 16.42
CA GLN B 26 -23.90 17.42 16.95
C GLN B 26 -24.58 16.17 17.49
N ASP B 27 -24.21 15.00 17.00
CA ASP B 27 -24.85 13.76 17.44
C ASP B 27 -24.44 13.41 18.86
N PRO B 28 -25.38 13.36 19.82
CA PRO B 28 -24.99 13.09 21.21
C PRO B 28 -24.49 11.67 21.46
N GLU B 29 -24.70 10.74 20.55
CA GLU B 29 -24.22 9.38 20.74
C GLU B 29 -22.85 9.14 20.13
N LEU B 30 -22.23 10.17 19.53
CA LEU B 30 -20.95 10.01 18.87
C LEU B 30 -20.00 11.09 19.38
N GLU B 31 -18.74 10.72 19.57
CA GLU B 31 -17.69 11.67 19.95
C GLU B 31 -16.80 11.91 18.73
N LEU B 32 -16.82 13.13 18.23
CA LEU B 32 -15.94 13.52 17.14
C LEU B 32 -14.50 13.65 17.65
N GLN B 33 -13.57 13.03 16.94
CA GLN B 33 -12.17 13.39 17.04
C GLN B 33 -11.71 13.88 15.68
N ILE B 34 -10.66 14.71 15.68
CA ILE B 34 -10.07 15.25 14.46
C ILE B 34 -8.57 15.07 14.54
N LEU B 35 -7.98 14.48 13.52
CA LEU B 35 -6.54 14.45 13.32
C LEU B 35 -6.21 15.33 12.12
N ALA B 36 -5.61 16.50 12.35
CA ALA B 36 -5.31 17.46 11.31
C ALA B 36 -3.81 17.48 11.03
N THR B 37 -3.44 17.61 9.76
CA THR B 37 -2.02 17.43 9.43
C THR B 37 -1.72 18.09 8.08
N ALA B 38 -0.52 17.83 7.57
CA ALA B 38 -0.09 18.16 6.21
C ALA B 38 -0.31 19.64 5.87
N MET B 39 -1.14 19.92 4.87
CA MET B 39 -1.24 21.29 4.36
C MET B 39 -1.90 22.25 5.36
N HIS B 40 -2.67 21.74 6.33
CA HIS B 40 -3.31 22.63 7.29
C HIS B 40 -2.30 23.39 8.14
N TYR B 41 -1.04 22.93 8.23
CA TYR B 41 -0.05 23.60 9.07
C TYR B 41 1.02 24.33 8.29
N SER B 42 0.91 24.39 6.96
CA SER B 42 1.95 25.02 6.16
C SER B 42 1.58 26.47 5.88
N PRO B 43 2.42 27.44 6.24
CA PRO B 43 2.16 28.84 5.82
C PRO B 43 2.02 29.01 4.32
N GLU B 44 2.74 28.21 3.51
CA GLU B 44 2.63 28.31 2.07
C GLU B 44 1.28 27.87 1.54
N HIS B 45 0.46 27.21 2.35
CA HIS B 45 -0.87 26.81 1.94
C HIS B 45 -1.97 27.47 2.77
N GLY B 46 -1.63 28.51 3.54
CA GLY B 46 -2.64 29.29 4.22
C GLY B 46 -2.86 29.00 5.70
N GLU B 47 -2.16 27.99 6.27
CA GLU B 47 -2.34 27.63 7.69
C GLU B 47 -3.81 27.40 8.01
N THR B 48 -4.44 26.61 7.16
CA THR B 48 -5.88 26.45 7.22
C THR B 48 -6.34 25.66 8.45
N TRP B 49 -5.44 25.14 9.30
CA TRP B 49 -5.94 24.65 10.61
C TRP B 49 -6.76 25.72 11.33
N LYS B 50 -6.42 27.01 11.14
CA LYS B 50 -7.16 28.07 11.81
C LYS B 50 -8.63 28.09 11.42
N THR B 51 -8.95 27.70 10.18
CA THR B 51 -10.33 27.65 9.74
C THR B 51 -11.11 26.54 10.44
N ILE B 52 -10.46 25.39 10.67
CA ILE B 52 -11.10 24.30 11.42
C ILE B 52 -11.53 24.79 12.79
N VAL B 53 -10.61 25.43 13.51
CA VAL B 53 -10.93 25.92 14.85
C VAL B 53 -11.99 26.99 14.79
N LYS B 54 -11.89 27.88 13.81
CA LYS B 54 -12.84 28.99 13.77
C LYS B 54 -14.24 28.49 13.44
N ASP B 55 -14.34 27.36 12.74
CA ASP B 55 -15.64 26.77 12.47
C ASP B 55 -16.24 26.10 13.68
N GLY B 56 -15.56 26.12 14.82
CA GLY B 56 -16.10 25.52 16.02
C GLY B 56 -15.68 24.11 16.32
N PHE B 57 -14.66 23.57 15.66
CA PHE B 57 -14.21 22.21 15.91
C PHE B 57 -12.97 22.23 16.81
N GLU B 58 -12.78 21.15 17.57
CA GLU B 58 -11.58 20.97 18.37
C GLU B 58 -10.65 20.00 17.63
N ILE B 59 -9.42 20.43 17.38
CA ILE B 59 -8.43 19.57 16.73
C ILE B 59 -7.84 18.70 17.83
N THR B 60 -8.26 17.43 17.88
CA THR B 60 -7.82 16.52 18.92
C THR B 60 -6.31 16.32 18.90
N GLU B 61 -5.75 16.10 17.70
CA GLU B 61 -4.32 15.89 17.52
C GLU B 61 -3.89 16.59 16.25
N SER B 62 -2.78 17.32 16.29
CA SER B 62 -2.19 17.91 15.09
C SER B 62 -0.82 17.28 14.86
N VAL B 63 -0.48 17.06 13.59
CA VAL B 63 0.82 16.52 13.23
C VAL B 63 1.37 17.36 12.05
N GLU B 64 2.39 18.16 12.32
CA GLU B 64 3.09 18.87 11.25
C GLU B 64 4.02 17.87 10.58
N MET B 65 4.04 17.87 9.24
CA MET B 65 4.81 16.83 8.56
C MET B 65 5.47 17.29 7.26
N LEU B 66 4.99 18.37 6.63
CA LEU B 66 5.46 18.69 5.28
C LEU B 66 6.84 19.34 5.34
N LEU B 67 7.80 18.76 4.61
CA LEU B 67 9.08 19.40 4.33
C LEU B 67 8.91 20.48 3.28
N SER B 68 9.72 21.55 3.38
CA SER B 68 9.56 22.63 2.43
C SER B 68 10.22 22.33 1.07
N SER B 69 11.24 21.48 1.01
CA SER B 69 11.90 21.19 -0.26
C SER B 69 10.91 20.64 -1.30
N ASP B 70 10.89 21.23 -2.51
CA ASP B 70 9.88 20.85 -3.51
C ASP B 70 10.43 19.74 -4.40
N THR B 71 10.43 18.52 -3.88
CA THR B 71 11.02 17.38 -4.58
C THR B 71 10.21 16.13 -4.24
N SER B 72 10.37 15.09 -5.05
CA SER B 72 9.67 13.85 -4.73
C SER B 72 10.29 13.16 -3.51
N SER B 73 11.62 13.24 -3.35
CA SER B 73 12.21 12.65 -2.15
C SER B 73 11.72 13.35 -0.88
N ALA B 74 11.50 14.67 -0.93
CA ALA B 74 10.95 15.36 0.24
C ALA B 74 9.51 14.98 0.54
N VAL B 75 8.72 14.66 -0.49
CA VAL B 75 7.36 14.17 -0.25
C VAL B 75 7.41 12.86 0.53
N VAL B 76 8.31 11.96 0.14
CA VAL B 76 8.43 10.69 0.85
C VAL B 76 8.90 10.92 2.28
N LYS B 77 9.87 11.83 2.48
CA LYS B 77 10.27 12.17 3.85
C LYS B 77 9.11 12.72 4.66
N SER B 78 8.26 13.54 4.03
CA SER B 78 7.11 14.09 4.74
C SER B 78 6.18 12.99 5.21
N MET B 79 5.96 12.00 4.35
CA MET B 79 5.13 10.86 4.72
C MET B 79 5.72 10.13 5.91
N GLY B 80 7.06 10.03 5.96
CA GLY B 80 7.71 9.40 7.11
C GLY B 80 7.53 10.21 8.40
N VAL B 81 7.70 11.53 8.31
CA VAL B 81 7.43 12.37 9.48
C VAL B 81 5.99 12.19 9.93
N GLY B 82 5.07 12.14 8.96
CA GLY B 82 3.67 11.89 9.28
C GLY B 82 3.46 10.58 10.02
N LEU B 83 4.03 9.47 9.50
CA LEU B 83 3.86 8.18 10.18
C LEU B 83 4.37 8.25 11.62
N LEU B 84 5.53 8.87 11.81
CA LEU B 84 6.07 8.98 13.16
C LEU B 84 5.13 9.75 14.09
N GLY B 85 4.48 10.79 13.59
CA GLY B 85 3.53 11.52 14.42
C GLY B 85 2.20 10.80 14.57
N PHE B 86 1.72 10.16 13.50
CA PHE B 86 0.46 9.41 13.59
C PHE B 86 0.56 8.26 14.59
N ALA B 87 1.73 7.64 14.69
CA ALA B 87 1.95 6.56 15.65
C ALA B 87 1.54 6.99 17.06
N ASP B 88 2.00 8.17 17.49
CA ASP B 88 1.68 8.66 18.83
C ASP B 88 0.28 9.28 18.88
N ALA B 89 -0.17 9.93 17.79
CA ALA B 89 -1.50 10.55 17.82
C ALA B 89 -2.60 9.49 17.91
N LEU B 90 -2.49 8.44 17.11
CA LEU B 90 -3.50 7.38 17.15
C LEU B 90 -3.40 6.58 18.45
N LYS B 91 -2.19 6.42 18.97
CA LYS B 91 -2.02 5.80 20.29
C LYS B 91 -2.83 6.54 21.34
N ARG B 92 -2.78 7.88 21.33
CA ARG B 92 -3.49 8.66 22.34
C ARG B 92 -4.99 8.69 22.08
N MET B 93 -5.39 8.91 20.81
CA MET B 93 -6.82 9.04 20.49
C MET B 93 -7.59 7.76 20.72
N GLN B 94 -7.01 6.62 20.36
CA GLN B 94 -7.70 5.33 20.36
C GLN B 94 -9.10 5.42 19.73
N PRO B 95 -9.21 5.88 18.50
CA PRO B 95 -10.54 6.03 17.89
C PRO B 95 -11.16 4.66 17.64
N ASP B 96 -12.49 4.64 17.57
CA ASP B 96 -13.20 3.43 17.15
C ASP B 96 -13.20 3.29 15.64
N VAL B 97 -13.16 4.41 14.92
CA VAL B 97 -13.01 4.36 13.47
C VAL B 97 -12.28 5.62 13.05
N LEU B 98 -11.51 5.50 11.97
CA LEU B 98 -10.86 6.65 11.36
C LEU B 98 -11.46 6.87 9.98
N VAL B 99 -12.01 8.06 9.75
CA VAL B 99 -12.59 8.42 8.47
C VAL B 99 -11.52 9.10 7.61
N VAL B 100 -11.28 8.56 6.42
CA VAL B 100 -10.23 8.99 5.51
C VAL B 100 -10.86 9.25 4.15
N LEU B 101 -10.74 10.47 3.64
CA LEU B 101 -11.32 10.81 2.35
C LEU B 101 -10.21 10.94 1.31
N GLY B 102 -10.37 10.24 0.19
CA GLY B 102 -9.56 10.57 -0.98
C GLY B 102 -8.28 9.79 -1.18
N ASP B 103 -7.24 10.50 -1.62
CA ASP B 103 -6.17 9.80 -2.36
C ASP B 103 -4.81 10.50 -2.27
N ARG B 104 -4.58 11.37 -1.29
CA ARG B 104 -3.33 12.10 -1.21
C ARG B 104 -2.28 11.32 -0.43
N PHE B 105 -1.01 11.74 -0.59
CA PHE B 105 0.06 10.96 0.04
C PHE B 105 -0.07 10.95 1.57
N GLU B 106 -0.57 12.03 2.19
CA GLU B 106 -0.72 11.97 3.65
C GLU B 106 -1.85 11.02 4.06
N ALA B 107 -2.88 10.89 3.22
CA ALA B 107 -3.94 9.91 3.50
C ALA B 107 -3.41 8.49 3.43
N LEU B 108 -2.53 8.19 2.47
CA LEU B 108 -1.92 6.85 2.44
C LEU B 108 -1.18 6.58 3.75
N ALA B 109 -0.42 7.56 4.22
CA ALA B 109 0.34 7.38 5.45
C ALA B 109 -0.56 7.10 6.66
N VAL B 110 -1.63 7.89 6.83
CA VAL B 110 -2.46 7.67 8.02
C VAL B 110 -3.23 6.35 7.90
N THR B 111 -3.60 5.95 6.68
CA THR B 111 -4.35 4.72 6.52
C THR B 111 -3.51 3.51 6.94
N GLN B 112 -2.26 3.43 6.46
CA GLN B 112 -1.43 2.30 6.86
C GLN B 112 -1.05 2.37 8.34
N ALA B 113 -0.95 3.58 8.89
CA ALA B 113 -0.78 3.71 10.35
C ALA B 113 -1.96 3.08 11.08
N ALA B 114 -3.18 3.45 10.68
CA ALA B 114 -4.39 2.92 11.31
C ALA B 114 -4.49 1.41 11.13
N LEU B 115 -4.15 0.93 9.93
CA LEU B 115 -4.18 -0.52 9.69
C LEU B 115 -3.28 -1.24 10.68
N ILE B 116 -2.01 -0.85 10.69
CA ILE B 116 -1.01 -1.48 11.55
C ILE B 116 -1.47 -1.44 13.00
N MET B 117 -2.08 -0.34 13.43
CA MET B 117 -2.53 -0.20 14.81
C MET B 117 -3.97 -0.70 15.04
N HIS B 118 -4.54 -1.46 14.09
CA HIS B 118 -5.86 -2.07 14.23
C HIS B 118 -6.97 -1.05 14.48
N VAL B 119 -6.86 0.14 13.89
CA VAL B 119 -7.94 1.13 13.89
C VAL B 119 -8.70 0.99 12.58
N PRO B 120 -9.97 0.59 12.59
CA PRO B 120 -10.70 0.43 11.32
C PRO B 120 -10.78 1.76 10.56
N VAL B 121 -10.56 1.69 9.24
CA VAL B 121 -10.65 2.86 8.37
C VAL B 121 -11.95 2.82 7.58
N ALA B 122 -12.67 3.93 7.60
CA ALA B 122 -13.78 4.16 6.68
C ALA B 122 -13.29 5.11 5.58
N HIS B 123 -13.29 4.63 4.32
CA HIS B 123 -12.71 5.34 3.19
C HIS B 123 -13.77 5.96 2.31
N LEU B 124 -13.66 7.26 2.06
CA LEU B 124 -14.59 7.97 1.17
C LEU B 124 -13.92 8.26 -0.16
N HIS B 125 -14.66 8.07 -1.25
CA HIS B 125 -14.27 8.39 -2.63
C HIS B 125 -13.30 7.38 -3.21
N GLY B 126 -13.37 6.13 -2.79
CA GLY B 126 -12.67 5.07 -3.50
C GLY B 126 -13.37 4.74 -4.80
N GLY B 127 -12.74 3.87 -5.59
CA GLY B 127 -13.35 3.39 -6.80
C GLY B 127 -13.24 4.31 -7.99
N GLU B 128 -12.63 5.47 -7.83
CA GLU B 128 -12.53 6.48 -8.87
C GLU B 128 -11.19 6.32 -9.57
N ILE B 129 -11.08 6.93 -10.75
CA ILE B 129 -9.87 6.83 -11.57
C ILE B 129 -9.39 8.22 -11.92
N THR B 130 -8.08 8.49 -11.70
CA THR B 130 -7.42 9.79 -12.00
C THR B 130 -6.04 9.46 -12.56
N GLU B 131 -5.99 9.08 -13.84
CA GLU B 131 -4.83 8.37 -14.36
C GLU B 131 -3.53 9.18 -14.24
N GLY B 132 -3.61 10.50 -14.36
CA GLY B 132 -2.39 11.29 -14.45
C GLY B 132 -1.69 11.61 -13.14
N ALA B 133 -2.18 11.13 -12.01
CA ALA B 133 -1.58 11.43 -10.72
C ALA B 133 -1.21 10.14 -10.00
N TYR B 134 -0.12 10.16 -9.21
CA TYR B 134 0.12 8.97 -8.42
C TYR B 134 -0.95 8.77 -7.34
N ASP B 135 -1.78 9.79 -7.07
CA ASP B 135 -3.01 9.61 -6.33
C ASP B 135 -3.83 8.42 -6.84
N GLU B 136 -3.71 8.11 -8.14
CA GLU B 136 -4.46 7.00 -8.71
C GLU B 136 -4.15 5.70 -7.95
N SER B 137 -2.87 5.34 -7.88
CA SER B 137 -2.49 4.09 -7.22
C SER B 137 -2.62 4.19 -5.71
N ILE B 138 -2.39 5.38 -5.16
CA ILE B 138 -2.62 5.60 -3.74
C ILE B 138 -4.07 5.27 -3.38
N ARG B 139 -5.01 5.74 -4.20
CA ARG B 139 -6.43 5.56 -3.89
C ARG B 139 -6.76 4.08 -3.72
N HIS B 140 -6.29 3.26 -4.66
CA HIS B 140 -6.61 1.83 -4.61
C HIS B 140 -5.87 1.13 -3.48
N ALA B 141 -4.65 1.59 -3.16
CA ALA B 141 -3.99 1.04 -1.98
C ALA B 141 -4.77 1.36 -0.72
N ILE B 142 -5.31 2.58 -0.63
CA ILE B 142 -6.10 2.93 0.55
C ILE B 142 -7.37 2.07 0.62
N THR B 143 -8.06 1.89 -0.50
CA THR B 143 -9.17 0.92 -0.53
C THR B 143 -8.75 -0.43 0.08
N LYS B 144 -7.63 -1.00 -0.38
CA LYS B 144 -7.23 -2.34 0.09
C LYS B 144 -6.88 -2.37 1.57
N MET B 145 -6.60 -1.22 2.19
CA MET B 145 -6.30 -1.17 3.61
C MET B 145 -7.47 -0.67 4.46
N SER B 146 -8.66 -0.51 3.88
CA SER B 146 -9.80 0.07 4.58
C SER B 146 -10.86 -0.99 4.83
N ASN B 147 -11.63 -0.83 5.90
CA ASN B 147 -12.60 -1.84 6.33
C ASN B 147 -13.97 -1.63 5.72
N ILE B 148 -14.34 -0.39 5.42
CA ILE B 148 -15.68 -0.05 4.95
C ILE B 148 -15.54 1.14 4.01
N HIS B 149 -16.44 1.22 3.02
CA HIS B 149 -16.21 2.07 1.86
C HIS B 149 -17.46 2.86 1.52
N PHE B 150 -17.30 4.17 1.43
CA PHE B 150 -18.39 5.07 1.05
C PHE B 150 -18.06 5.69 -0.30
N ALA B 151 -18.64 5.10 -1.35
CA ALA B 151 -18.44 5.52 -2.73
C ALA B 151 -19.47 6.56 -3.13
N ALA B 152 -19.13 7.31 -4.17
CA ALA B 152 -19.89 8.46 -4.62
C ALA B 152 -20.75 8.16 -5.86
N ALA B 153 -20.56 7.02 -6.50
CA ALA B 153 -21.38 6.63 -7.64
C ALA B 153 -21.36 5.11 -7.75
N GLU B 154 -22.38 4.57 -8.45
CA GLU B 154 -22.50 3.11 -8.61
C GLU B 154 -21.31 2.54 -9.36
N GLU B 155 -20.84 3.26 -10.40
CA GLU B 155 -19.62 2.87 -11.09
C GLU B 155 -18.45 2.69 -10.11
N TYR B 156 -18.31 3.64 -9.19
CA TYR B 156 -17.20 3.58 -8.23
C TYR B 156 -17.40 2.44 -7.23
N LYS B 157 -18.63 2.28 -6.71
CA LYS B 157 -18.92 1.10 -5.88
C LYS B 157 -18.52 -0.20 -6.58
N LYS B 158 -18.84 -0.32 -7.87
CA LYS B 158 -18.53 -1.54 -8.60
C LYS B 158 -17.03 -1.77 -8.69
N ARG B 159 -16.27 -0.70 -8.88
CA ARG B 159 -14.83 -0.86 -8.94
C ARG B 159 -14.25 -1.29 -7.60
N ILE B 160 -14.78 -0.74 -6.49
CA ILE B 160 -14.31 -1.14 -5.16
C ILE B 160 -14.55 -2.63 -4.94
N ILE B 161 -15.68 -3.14 -5.43
CA ILE B 161 -15.98 -4.56 -5.30
C ILE B 161 -15.03 -5.38 -6.17
N GLN B 162 -14.75 -4.92 -7.40
CA GLN B 162 -13.77 -5.62 -8.23
C GLN B 162 -12.43 -5.69 -7.53
N LEU B 163 -12.03 -4.61 -6.83
CA LEU B 163 -10.81 -4.61 -6.03
C LEU B 163 -10.82 -5.69 -4.92
N GLY B 164 -11.93 -6.39 -4.71
CA GLY B 164 -11.99 -7.47 -3.75
C GLY B 164 -12.53 -7.11 -2.39
N GLU B 165 -13.21 -5.96 -2.27
CA GLU B 165 -13.92 -5.62 -1.05
C GLU B 165 -15.27 -6.31 -1.05
N GLN B 166 -15.71 -6.76 0.13
CA GLN B 166 -16.99 -7.45 0.23
C GLN B 166 -18.13 -6.50 -0.16
N PRO B 167 -19.09 -6.97 -0.96
CA PRO B 167 -20.22 -6.10 -1.32
C PRO B 167 -20.91 -5.47 -0.12
N GLU B 168 -21.04 -6.21 1.00
CA GLU B 168 -21.72 -5.65 2.17
C GLU B 168 -20.89 -4.58 2.88
N ARG B 169 -19.65 -4.36 2.48
CA ARG B 169 -18.84 -3.29 3.04
C ARG B 169 -18.73 -2.08 2.12
N VAL B 170 -19.43 -2.06 0.99
CA VAL B 170 -19.33 -0.96 0.01
C VAL B 170 -20.68 -0.31 -0.17
N PHE B 171 -20.73 1.01 -0.03
CA PHE B 171 -21.96 1.77 0.04
C PHE B 171 -21.90 2.95 -0.92
N ASN B 172 -22.85 3.01 -1.84
CA ASN B 172 -22.96 4.14 -2.76
C ASN B 172 -23.85 5.17 -2.09
N VAL B 173 -23.23 6.14 -1.42
CA VAL B 173 -23.95 7.16 -0.66
C VAL B 173 -23.91 8.52 -1.34
N GLY B 174 -23.21 8.66 -2.48
CA GLY B 174 -23.06 9.94 -3.12
C GLY B 174 -21.85 10.70 -2.62
N ALA B 175 -21.68 11.92 -3.16
CA ALA B 175 -20.53 12.76 -2.88
C ALA B 175 -20.82 13.67 -1.68
N LEU B 176 -20.10 13.47 -0.59
CA LEU B 176 -20.40 14.18 0.66
C LEU B 176 -20.29 15.69 0.48
N GLY B 177 -19.29 16.16 -0.27
CA GLY B 177 -19.12 17.59 -0.47
C GLY B 177 -20.34 18.25 -1.10
N LEU B 178 -21.12 17.49 -1.87
CA LEU B 178 -22.30 18.07 -2.50
C LEU B 178 -23.43 18.33 -1.51
N ASP B 179 -23.31 17.91 -0.25
CA ASP B 179 -24.30 18.33 0.75
C ASP B 179 -24.21 19.83 0.98
N HIS B 180 -23.08 20.46 0.70
CA HIS B 180 -23.00 21.91 0.80
C HIS B 180 -24.04 22.60 -0.09
N ILE B 181 -24.43 21.96 -1.20
CA ILE B 181 -25.39 22.59 -2.12
C ILE B 181 -26.68 22.92 -1.39
N GLN B 182 -27.16 22.02 -0.54
CA GLN B 182 -28.40 22.20 0.21
C GLN B 182 -28.20 22.92 1.53
N ARG B 183 -27.11 22.63 2.24
CA ARG B 183 -27.00 23.04 3.64
C ARG B 183 -26.19 24.31 3.87
N THR B 184 -25.36 24.73 2.92
CA THR B 184 -24.48 25.89 3.13
C THR B 184 -25.04 27.10 2.41
N THR B 185 -25.01 28.25 3.09
CA THR B 185 -25.45 29.51 2.51
C THR B 185 -24.34 30.14 1.67
N PHE B 186 -24.69 30.60 0.48
CA PHE B 186 -23.70 31.17 -0.44
C PHE B 186 -23.58 32.68 -0.24
N LYS B 187 -22.36 33.19 -0.39
CA LYS B 187 -22.11 34.63 -0.27
C LYS B 187 -22.48 35.33 -1.58
N SER B 188 -22.95 36.56 -1.46
CA SER B 188 -23.30 37.33 -2.63
C SER B 188 -22.04 37.94 -3.26
N ILE B 189 -22.20 38.43 -4.48
CA ILE B 189 -21.12 39.11 -5.19
C ILE B 189 -20.63 40.33 -4.40
N SER B 190 -21.56 41.09 -3.81
CA SER B 190 -21.15 42.25 -3.02
C SER B 190 -20.32 41.82 -1.81
N GLU B 191 -20.78 40.78 -1.11
CA GLU B 191 -20.02 40.27 0.03
C GLU B 191 -18.65 39.76 -0.39
N LEU B 192 -18.57 39.06 -1.51
CA LEU B 192 -17.26 38.60 -1.97
C LEU B 192 -16.35 39.79 -2.27
N SER B 193 -16.91 40.83 -2.90
CA SER B 193 -16.11 41.98 -3.30
C SER B 193 -15.55 42.72 -2.09
N GLU B 194 -16.37 42.89 -1.06
CA GLU B 194 -15.87 43.53 0.16
C GLU B 194 -14.80 42.67 0.81
N LEU B 195 -15.02 41.35 0.82
CA LEU B 195 -14.13 40.45 1.54
C LEU B 195 -12.74 40.38 0.91
N TYR B 196 -12.66 40.33 -0.41
CA TYR B 196 -11.39 40.13 -1.08
C TYR B 196 -10.85 41.40 -1.72
N ASP B 197 -11.53 42.53 -1.51
CA ASP B 197 -11.13 43.83 -2.05
C ASP B 197 -10.88 43.71 -3.56
N PHE B 198 -11.92 43.26 -4.26
CA PHE B 198 -11.81 42.87 -5.66
C PHE B 198 -13.23 42.82 -6.22
N ASP B 199 -13.40 43.28 -7.46
CA ASP B 199 -14.74 43.48 -8.00
C ASP B 199 -15.23 42.19 -8.65
N PHE B 200 -16.06 41.44 -7.91
CA PHE B 200 -16.57 40.18 -8.45
C PHE B 200 -17.73 40.37 -9.42
N SER B 201 -18.18 41.61 -9.65
CA SER B 201 -19.19 41.89 -10.65
C SER B 201 -18.66 41.83 -12.07
N LYS B 202 -17.35 41.89 -12.24
CA LYS B 202 -16.76 41.73 -13.56
C LYS B 202 -16.53 40.25 -13.85
N PRO B 203 -16.74 39.82 -15.09
CA PRO B 203 -16.59 38.38 -15.41
C PRO B 203 -15.21 37.87 -15.04
N TYR B 204 -15.16 36.63 -14.55
CA TYR B 204 -13.89 36.05 -14.10
C TYR B 204 -13.89 34.54 -14.24
N PHE B 205 -12.71 33.99 -14.48
CA PHE B 205 -12.44 32.56 -14.33
C PHE B 205 -11.90 32.26 -12.94
N LEU B 206 -12.26 31.09 -12.42
CA LEU B 206 -11.66 30.57 -11.20
C LEU B 206 -10.72 29.45 -11.61
N ILE B 207 -9.46 29.55 -11.22
CA ILE B 207 -8.42 28.70 -11.75
C ILE B 207 -7.74 28.00 -10.59
N THR B 208 -7.68 26.67 -10.67
CA THR B 208 -6.88 25.86 -9.76
C THR B 208 -6.15 24.83 -10.62
N TYR B 209 -4.84 24.92 -10.66
CA TYR B 209 -4.02 23.93 -11.36
C TYR B 209 -3.00 23.40 -10.36
N HIS B 210 -3.07 22.07 -10.09
CA HIS B 210 -2.17 21.25 -9.27
C HIS B 210 -1.17 20.53 -10.13
N PRO B 211 0.03 20.21 -9.60
CA PRO B 211 0.98 19.39 -10.36
C PRO B 211 0.31 18.09 -10.79
N GLU B 212 0.48 17.75 -12.06
CA GLU B 212 0.10 16.43 -12.60
C GLU B 212 1.28 15.50 -12.37
N THR B 213 1.20 14.67 -11.34
CA THR B 213 2.44 14.11 -10.82
C THR B 213 2.98 12.93 -11.64
N ASN B 214 2.21 12.36 -12.56
CA ASN B 214 2.79 11.33 -13.42
C ASN B 214 3.41 11.91 -14.68
N LEU B 215 3.32 13.23 -14.84
CA LEU B 215 3.87 13.93 -15.99
C LEU B 215 5.35 14.20 -15.76
N LEU B 216 6.20 13.86 -16.75
CA LEU B 216 7.64 13.85 -16.50
C LEU B 216 8.22 15.25 -16.38
N GLU B 217 7.90 16.13 -17.32
CA GLU B 217 8.48 17.48 -17.34
C GLU B 217 7.33 18.45 -17.55
N GLU B 218 6.69 18.79 -16.46
CA GLU B 218 5.52 19.65 -16.53
C GLU B 218 5.97 21.08 -16.76
N ASN B 219 5.44 21.69 -17.83
CA ASN B 219 5.63 23.11 -18.12
C ASN B 219 4.24 23.74 -18.24
N VAL B 220 3.88 24.58 -17.26
CA VAL B 220 2.54 25.14 -17.23
C VAL B 220 2.42 26.43 -18.03
N ALA B 221 3.49 26.87 -18.69
CA ALA B 221 3.40 28.07 -19.53
C ALA B 221 2.23 28.08 -20.52
N PRO B 222 1.84 26.97 -21.16
CA PRO B 222 0.67 27.03 -22.07
C PRO B 222 -0.59 27.56 -21.40
N LEU B 223 -0.82 27.22 -20.14
CA LEU B 223 -2.01 27.74 -19.46
C LEU B 223 -1.91 29.25 -19.24
N PHE B 224 -0.81 29.73 -18.68
CA PHE B 224 -0.74 31.15 -18.37
C PHE B 224 -0.62 32.00 -19.63
N ASP B 225 0.11 31.51 -20.64
CA ASP B 225 0.11 32.20 -21.94
C ASP B 225 -1.29 32.25 -22.53
N ALA B 226 -2.07 31.19 -22.36
CA ALA B 226 -3.46 31.21 -22.81
C ALA B 226 -4.27 32.29 -22.08
N LEU B 227 -4.15 32.34 -20.74
CA LEU B 227 -4.89 33.35 -19.98
C LEU B 227 -4.52 34.76 -20.41
N LYS B 228 -3.23 35.01 -20.65
CA LYS B 228 -2.79 36.34 -21.08
C LYS B 228 -3.44 36.76 -22.39
N GLN B 229 -3.98 35.81 -23.17
CA GLN B 229 -4.59 36.15 -24.45
C GLN B 229 -6.06 36.54 -24.33
N ILE B 230 -6.70 36.28 -23.20
CA ILE B 230 -8.11 36.59 -23.02
C ILE B 230 -8.24 38.01 -22.48
N ASN B 231 -9.07 38.82 -23.13
CA ASN B 231 -9.30 40.20 -22.72
C ASN B 231 -10.60 40.32 -21.94
N ASP B 232 -10.64 41.33 -21.05
CA ASP B 232 -11.87 41.76 -20.36
C ASP B 232 -12.41 40.69 -19.42
N VAL B 233 -11.52 39.87 -18.86
CA VAL B 233 -11.88 38.86 -17.88
C VAL B 233 -10.82 38.87 -16.79
N ASN B 234 -11.27 38.78 -15.54
CA ASN B 234 -10.34 38.64 -14.42
C ASN B 234 -9.99 37.17 -14.17
N PHE B 235 -8.88 36.95 -13.48
CA PHE B 235 -8.37 35.62 -13.18
C PHE B 235 -8.21 35.49 -11.66
N ILE B 236 -9.03 34.64 -11.06
CA ILE B 236 -9.01 34.40 -9.62
C ILE B 236 -8.44 32.99 -9.40
N PHE B 237 -7.37 32.91 -8.60
CA PHE B 237 -6.63 31.67 -8.39
C PHE B 237 -6.74 31.17 -6.95
N SER B 238 -6.78 29.86 -6.78
CA SER B 238 -6.42 29.26 -5.51
C SER B 238 -5.03 28.66 -5.64
N TYR B 239 -4.43 28.30 -4.51
CA TYR B 239 -3.05 27.88 -4.69
C TYR B 239 -2.95 26.38 -4.98
N PRO B 240 -1.92 25.92 -5.68
CA PRO B 240 -1.73 24.48 -5.86
C PRO B 240 -1.44 23.78 -4.53
N ASN B 241 -1.74 22.48 -4.50
CA ASN B 241 -1.52 21.67 -3.30
C ASN B 241 -0.01 21.43 -3.07
N ALA B 242 0.31 20.60 -2.08
CA ALA B 242 1.69 20.40 -1.65
C ALA B 242 2.40 19.26 -2.38
N ASP B 243 1.82 18.73 -3.44
CA ASP B 243 2.54 17.71 -4.19
C ASP B 243 3.82 18.31 -4.79
N ASN B 244 4.83 17.47 -4.98
CA ASN B 244 6.06 17.95 -5.62
C ASN B 244 5.75 18.48 -7.02
N GLY B 245 6.41 19.59 -7.39
CA GLY B 245 6.06 20.30 -8.61
C GLY B 245 5.23 21.55 -8.41
N ASN B 246 4.84 21.88 -7.18
CA ASN B 246 3.88 22.97 -7.04
C ASN B 246 4.53 24.35 -7.05
N THR B 247 5.80 24.47 -6.65
CA THR B 247 6.38 25.81 -6.62
C THR B 247 6.54 26.37 -8.04
N ASN B 248 6.76 25.52 -9.04
CA ASN B 248 6.76 26.01 -10.41
C ASN B 248 5.44 26.69 -10.77
N ILE B 249 4.31 26.12 -10.33
CA ILE B 249 3.02 26.74 -10.59
C ILE B 249 2.86 28.06 -9.81
N VAL B 250 3.27 28.08 -8.54
CA VAL B 250 3.18 29.31 -7.75
C VAL B 250 3.96 30.43 -8.44
N LYS B 251 5.16 30.13 -8.92
CA LYS B 251 5.97 31.15 -9.62
C LYS B 251 5.21 31.70 -10.82
N ALA B 252 4.61 30.82 -11.62
CA ALA B 252 3.83 31.27 -12.77
C ALA B 252 2.66 32.15 -12.33
N MET B 253 2.00 31.81 -11.21
CA MET B 253 0.90 32.63 -10.71
C MET B 253 1.40 34.02 -10.29
N LEU B 254 2.51 34.06 -9.55
CA LEU B 254 3.04 35.35 -9.11
C LEU B 254 3.47 36.19 -10.30
N ASP B 255 4.04 35.55 -11.33
CA ASP B 255 4.42 36.27 -12.54
C ASP B 255 3.20 36.87 -13.22
N LEU B 256 2.11 36.10 -13.34
CA LEU B 256 0.90 36.62 -13.96
C LEU B 256 0.33 37.77 -13.16
N LYS B 257 0.35 37.65 -11.82
CA LYS B 257 -0.08 38.73 -10.96
C LYS B 257 0.75 40.00 -11.20
N ALA B 258 2.07 39.85 -11.29
CA ALA B 258 2.93 41.00 -11.46
C ALA B 258 2.65 41.68 -12.81
N GLN B 259 2.34 40.89 -13.82
CA GLN B 259 2.07 41.43 -15.15
C GLN B 259 0.67 42.05 -15.25
N LEU B 260 -0.31 41.51 -14.53
CA LEU B 260 -1.70 41.99 -14.60
C LEU B 260 -2.25 42.26 -13.20
N PRO B 261 -1.66 43.22 -12.47
CA PRO B 261 -2.01 43.37 -11.04
C PRO B 261 -3.48 43.62 -10.78
N ASP B 262 -4.18 44.33 -11.67
CA ASP B 262 -5.58 44.66 -11.41
C ASP B 262 -6.54 43.58 -11.87
N ARG B 263 -6.08 42.60 -12.65
CA ARG B 263 -6.94 41.55 -13.18
C ARG B 263 -6.72 40.20 -12.50
N VAL B 264 -5.77 40.11 -11.57
CA VAL B 264 -5.46 38.85 -10.91
C VAL B 264 -5.72 38.97 -9.41
N LEU B 265 -6.38 37.98 -8.85
CA LEU B 265 -6.54 37.81 -7.41
C LEU B 265 -5.98 36.45 -7.05
N LEU B 266 -4.93 36.43 -6.21
CA LEU B 266 -4.37 35.17 -5.72
C LEU B 266 -4.82 34.96 -4.28
N VAL B 267 -5.51 33.86 -4.02
CA VAL B 267 -6.01 33.52 -2.69
C VAL B 267 -5.37 32.20 -2.28
N LYS B 268 -4.58 32.22 -1.20
CA LYS B 268 -3.91 30.98 -0.82
C LYS B 268 -4.94 29.89 -0.60
N SER B 269 -6.06 30.23 0.02
CA SER B 269 -7.07 29.21 0.30
C SER B 269 -8.38 29.85 0.74
N PHE B 270 -9.44 29.68 -0.06
CA PHE B 270 -10.76 30.14 0.32
C PHE B 270 -11.37 29.21 1.34
N GLY B 271 -12.13 29.76 2.29
CA GLY B 271 -13.03 28.91 3.06
C GLY B 271 -13.97 28.27 2.05
N ILE B 272 -14.44 27.03 2.27
CA ILE B 272 -15.22 26.39 1.22
C ILE B 272 -16.58 27.07 1.03
N GLN B 273 -17.11 27.74 2.04
CA GLN B 273 -18.26 28.61 1.78
C GLN B 273 -17.89 29.70 0.78
N ASN B 274 -16.80 30.41 1.04
CA ASN B 274 -16.37 31.43 0.09
C ASN B 274 -15.95 30.79 -1.23
N TYR B 275 -15.27 29.65 -1.15
CA TYR B 275 -14.83 28.95 -2.36
C TYR B 275 -16.02 28.60 -3.24
N LEU B 276 -17.04 27.95 -2.65
CA LEU B 276 -18.22 27.60 -3.42
C LEU B 276 -18.92 28.84 -3.94
N SER B 277 -18.91 29.92 -3.17
CA SER B 277 -19.53 31.16 -3.62
C SER B 277 -18.78 31.74 -4.81
N VAL B 278 -17.44 31.77 -4.75
CA VAL B 278 -16.67 32.25 -5.88
C VAL B 278 -16.87 31.36 -7.09
N LEU B 279 -16.90 30.03 -6.88
CA LEU B 279 -17.09 29.10 -7.98
C LEU B 279 -18.43 29.33 -8.67
N LYS B 280 -19.49 29.50 -7.87
CA LYS B 280 -20.83 29.61 -8.43
C LYS B 280 -20.95 30.77 -9.42
N ASN B 281 -20.25 31.87 -9.17
CA ASN B 281 -20.36 33.05 -10.01
C ASN B 281 -19.23 33.18 -11.03
N ALA B 282 -18.46 32.12 -11.24
CA ALA B 282 -17.37 32.16 -12.22
C ALA B 282 -17.88 31.86 -13.62
N LEU B 283 -17.18 32.42 -14.62
CA LEU B 283 -17.41 32.03 -16.00
C LEU B 283 -17.15 30.54 -16.20
N ALA B 284 -16.11 30.03 -15.57
CA ALA B 284 -15.72 28.64 -15.72
C ALA B 284 -14.74 28.30 -14.60
N MET B 285 -14.66 27.00 -14.30
CA MET B 285 -13.66 26.43 -13.41
C MET B 285 -12.53 25.90 -14.28
N VAL B 286 -11.37 26.54 -14.22
CA VAL B 286 -10.25 26.24 -15.12
C VAL B 286 -9.15 25.54 -14.35
N GLY B 287 -8.53 24.52 -14.97
CA GLY B 287 -7.41 23.82 -14.37
C GLY B 287 -7.58 22.32 -14.32
N ASN B 288 -7.19 21.68 -13.21
CA ASN B 288 -7.26 20.23 -13.20
C ASN B 288 -7.67 19.70 -11.82
N SER B 289 -8.46 20.48 -11.08
CA SER B 289 -8.86 20.02 -9.74
C SER B 289 -10.15 19.20 -9.83
N SER B 290 -10.39 18.40 -8.78
CA SER B 290 -11.59 17.58 -8.75
C SER B 290 -12.85 18.40 -8.64
N SER B 291 -12.77 19.64 -8.14
CA SER B 291 -13.97 20.46 -8.10
C SER B 291 -14.52 20.71 -9.51
N GLY B 292 -13.65 20.73 -10.51
CA GLY B 292 -14.12 20.83 -11.89
C GLY B 292 -14.98 19.67 -12.35
N LEU B 293 -14.88 18.51 -11.67
CA LEU B 293 -15.64 17.34 -12.08
C LEU B 293 -16.81 17.04 -11.15
N SER B 294 -17.04 17.86 -10.12
CA SER B 294 -18.07 17.58 -9.12
C SER B 294 -18.86 18.83 -8.80
N GLU B 295 -18.24 19.77 -8.08
CA GLU B 295 -18.94 20.98 -7.66
C GLU B 295 -19.32 21.84 -8.86
N ALA B 296 -18.41 22.00 -9.83
CA ALA B 296 -18.68 22.90 -10.95
C ALA B 296 -19.91 22.45 -11.75
N PRO B 297 -20.03 21.20 -12.18
CA PRO B 297 -21.29 20.79 -12.82
C PRO B 297 -22.49 20.94 -11.90
N ALA B 298 -22.35 20.59 -10.61
CA ALA B 298 -23.45 20.70 -9.66
C ALA B 298 -23.92 22.14 -9.48
N LEU B 299 -23.03 23.11 -9.66
CA LEU B 299 -23.43 24.51 -9.62
C LEU B 299 -23.72 25.06 -11.01
N GLN B 300 -23.78 24.20 -12.03
CA GLN B 300 -24.02 24.59 -13.41
C GLN B 300 -23.02 25.65 -13.89
N VAL B 301 -21.75 25.44 -13.57
CA VAL B 301 -20.64 26.27 -14.05
C VAL B 301 -19.82 25.42 -15.02
N PRO B 302 -19.42 25.96 -16.19
CA PRO B 302 -18.59 25.19 -17.11
C PRO B 302 -17.24 24.85 -16.51
N THR B 303 -16.64 23.77 -17.01
CA THR B 303 -15.32 23.32 -16.58
C THR B 303 -14.37 23.26 -17.78
N VAL B 304 -13.23 23.93 -17.67
CA VAL B 304 -12.15 23.73 -18.62
C VAL B 304 -11.13 22.87 -17.89
N ASN B 305 -11.13 21.58 -18.20
CA ASN B 305 -10.26 20.61 -17.54
C ASN B 305 -9.05 20.29 -18.41
N ILE B 306 -7.86 20.43 -17.83
CA ILE B 306 -6.61 20.44 -18.58
C ILE B 306 -5.79 19.21 -18.21
N GLY B 307 -5.29 18.51 -19.22
CA GLY B 307 -4.34 17.44 -18.91
C GLY B 307 -5.06 16.24 -18.32
N ASP B 308 -4.26 15.35 -17.71
CA ASP B 308 -4.71 14.01 -17.35
C ASP B 308 -4.90 13.79 -15.86
N ARG B 309 -4.75 14.83 -15.02
CA ARG B 309 -4.89 14.59 -13.58
C ARG B 309 -6.28 14.04 -13.22
N GLN B 310 -7.31 14.40 -13.98
CA GLN B 310 -8.68 13.96 -13.73
C GLN B 310 -9.13 12.87 -14.70
N LYS B 311 -8.19 12.23 -15.38
CA LYS B 311 -8.53 11.34 -16.48
C LYS B 311 -9.12 10.05 -15.93
N GLY B 312 -10.34 9.74 -16.35
CA GLY B 312 -11.05 8.56 -15.91
C GLY B 312 -12.29 8.86 -15.09
N ARG B 313 -12.37 10.03 -14.46
CA ARG B 313 -13.57 10.36 -13.71
C ARG B 313 -14.75 10.55 -14.66
N LEU B 314 -15.95 10.24 -14.14
CA LEU B 314 -17.19 10.38 -14.90
C LEU B 314 -17.31 11.78 -15.48
N ARG B 315 -17.76 11.84 -16.74
CA ARG B 315 -17.87 13.06 -17.51
C ARG B 315 -19.34 13.45 -17.70
N CYS B 316 -19.54 14.68 -18.13
CA CYS B 316 -20.86 15.21 -18.50
C CYS B 316 -20.63 16.35 -19.47
N GLU B 317 -21.74 16.90 -19.99
CA GLU B 317 -21.65 17.78 -21.14
C GLU B 317 -20.94 19.09 -20.82
N SER B 318 -21.01 19.55 -19.58
CA SER B 318 -20.39 20.83 -19.25
C SER B 318 -18.88 20.75 -19.07
N ILE B 319 -18.26 19.60 -19.29
CA ILE B 319 -16.83 19.41 -19.10
C ILE B 319 -16.11 19.54 -20.43
N LEU B 320 -15.25 20.55 -20.56
CA LEU B 320 -14.40 20.71 -21.73
C LEU B 320 -13.01 20.16 -21.40
N ASP B 321 -12.68 18.99 -21.95
CA ASP B 321 -11.36 18.40 -21.73
C ASP B 321 -10.39 18.90 -22.79
N VAL B 322 -9.25 19.43 -22.37
CA VAL B 322 -8.22 19.93 -23.31
C VAL B 322 -6.84 19.51 -22.83
N ARG B 323 -5.90 19.45 -23.78
CA ARG B 323 -4.50 19.23 -23.44
C ARG B 323 -3.89 20.49 -22.84
N LEU B 324 -2.74 20.33 -22.18
CA LEU B 324 -1.93 21.46 -21.70
C LEU B 324 -1.28 22.10 -22.93
N ASP B 325 -2.09 22.88 -23.64
CA ASP B 325 -1.72 23.37 -24.96
C ASP B 325 -2.36 24.74 -25.14
N GLU B 326 -1.55 25.73 -25.51
CA GLU B 326 -2.01 27.11 -25.47
C GLU B 326 -3.22 27.30 -26.38
N ASN B 327 -3.16 26.78 -27.60
CA ASN B 327 -4.27 26.98 -28.52
C ASN B 327 -5.53 26.26 -28.06
N GLU B 328 -5.40 25.03 -27.55
CA GLU B 328 -6.59 24.33 -27.06
C GLU B 328 -7.19 25.05 -25.86
N ILE B 329 -6.34 25.56 -24.96
CA ILE B 329 -6.85 26.22 -23.75
C ILE B 329 -7.53 27.54 -24.09
N VAL B 330 -6.88 28.38 -24.92
CA VAL B 330 -7.48 29.65 -25.36
C VAL B 330 -8.86 29.42 -25.95
N GLU B 331 -8.98 28.42 -26.82
CA GLU B 331 -10.25 28.22 -27.50
C GLU B 331 -11.32 27.68 -26.56
N ALA B 332 -10.95 26.84 -25.59
CA ALA B 332 -11.93 26.39 -24.60
C ALA B 332 -12.38 27.54 -23.71
N LEU B 333 -11.45 28.41 -23.31
CA LEU B 333 -11.80 29.59 -22.52
C LEU B 333 -12.82 30.45 -23.25
N GLN B 334 -12.61 30.67 -24.56
CA GLN B 334 -13.52 31.48 -25.36
C GLN B 334 -14.90 30.86 -25.45
N LYS B 335 -14.96 29.54 -25.60
CA LYS B 335 -16.23 28.83 -25.61
C LYS B 335 -17.03 29.12 -24.34
N ALA B 336 -16.37 29.07 -23.18
CA ALA B 336 -17.06 29.30 -21.91
C ALA B 336 -17.51 30.75 -21.79
N ILE B 337 -16.80 31.68 -22.42
CA ILE B 337 -17.21 33.08 -22.42
C ILE B 337 -18.42 33.29 -23.32
N ASN B 338 -18.44 32.58 -24.45
CA ASN B 338 -19.46 32.82 -25.47
C ASN B 338 -20.75 32.04 -25.23
N PHE B 339 -20.69 30.92 -24.50
CA PHE B 339 -21.90 30.20 -24.15
C PHE B 339 -22.12 30.26 -22.65
N LEU B 353 -30.06 12.56 -2.52
CA LEU B 353 -29.55 13.81 -3.09
C LEU B 353 -29.53 14.92 -2.03
N GLY B 354 -28.41 15.02 -1.31
CA GLY B 354 -28.22 16.05 -0.30
C GLY B 354 -28.12 15.54 1.13
N ASN B 355 -28.18 14.22 1.34
CA ASN B 355 -28.16 13.69 2.69
C ASN B 355 -27.05 12.65 2.83
N THR B 356 -25.91 12.88 2.17
CA THR B 356 -24.82 11.92 2.24
C THR B 356 -24.29 11.76 3.67
N SER B 357 -24.09 12.89 4.38
CA SER B 357 -23.65 12.81 5.76
C SER B 357 -24.54 11.87 6.57
N GLN B 358 -25.86 12.13 6.55
CA GLN B 358 -26.80 11.27 7.28
C GLN B 358 -26.66 9.80 6.92
N LYS B 359 -26.50 9.49 5.62
CA LYS B 359 -26.35 8.09 5.21
C LYS B 359 -25.09 7.46 5.80
N ILE B 360 -23.97 8.20 5.81
CA ILE B 360 -22.72 7.64 6.30
C ILE B 360 -22.84 7.33 7.78
N ILE B 361 -23.38 8.27 8.55
CA ILE B 361 -23.52 8.09 9.99
C ILE B 361 -24.40 6.89 10.29
N GLU B 362 -25.52 6.76 9.56
CA GLU B 362 -26.39 5.61 9.75
C GLU B 362 -25.65 4.29 9.54
N VAL B 363 -24.89 4.19 8.46
CA VAL B 363 -24.16 2.96 8.17
C VAL B 363 -23.15 2.69 9.27
N ILE B 364 -22.38 3.71 9.65
CA ILE B 364 -21.37 3.55 10.68
C ILE B 364 -22.01 3.11 12.01
N LYS B 365 -23.18 3.66 12.33
CA LYS B 365 -23.83 3.30 13.59
C LYS B 365 -24.34 1.87 13.59
N THR B 366 -24.72 1.33 12.43
CA THR B 366 -25.46 0.07 12.35
C THR B 366 -24.66 -1.07 11.71
N THR B 367 -23.39 -0.84 11.35
CA THR B 367 -22.62 -1.82 10.61
C THR B 367 -21.41 -2.22 11.43
N ASP B 368 -21.15 -3.51 11.51
CA ASP B 368 -19.95 -4.01 12.16
C ASP B 368 -18.85 -4.11 11.12
N PHE B 369 -17.83 -3.28 11.24
CA PHE B 369 -16.70 -3.33 10.32
C PHE B 369 -15.39 -3.34 11.09
N LYS B 370 -15.43 -3.93 12.28
CA LYS B 370 -14.25 -3.97 13.13
C LYS B 370 -13.10 -4.72 12.47
N LYS B 371 -13.39 -5.82 11.79
CA LYS B 371 -12.35 -6.61 11.16
C LYS B 371 -12.43 -6.46 9.65
N LYS B 372 -11.28 -6.37 9.01
CA LYS B 372 -11.25 -6.41 7.55
C LYS B 372 -11.89 -7.70 7.08
N ALA B 373 -12.87 -7.59 6.18
CA ALA B 373 -13.55 -8.77 5.67
C ALA B 373 -12.63 -9.53 4.71
N PRO B 374 -12.89 -10.82 4.47
CA PRO B 374 -12.04 -11.58 3.56
C PRO B 374 -12.08 -11.02 2.14
N PHE B 375 -11.02 -11.30 1.37
CA PHE B 375 -10.97 -10.92 -0.03
C PHE B 375 -12.14 -11.50 -0.79
N TYR B 376 -12.71 -10.70 -1.69
CA TYR B 376 -13.89 -11.08 -2.46
C TYR B 376 -13.48 -11.44 -3.89
N ASP B 377 -13.47 -12.73 -4.20
CA ASP B 377 -13.25 -13.17 -5.57
C ASP B 377 -14.53 -13.04 -6.40
N LEU B 378 -14.37 -12.58 -7.64
CA LEU B 378 -15.48 -12.48 -8.59
C LEU B 378 -15.72 -13.84 -9.24
N LEU B 379 -16.86 -14.47 -8.95
CA LEU B 379 -17.20 -15.78 -9.52
C LEU B 379 -17.73 -15.67 -10.95
#